data_2JKU
# 
_entry.id   2JKU 
# 
_audit_conform.dict_name       mmcif_pdbx.dic 
_audit_conform.dict_version    5.382 
_audit_conform.dict_location   http://mmcif.pdb.org/dictionaries/ascii/mmcif_pdbx.dic 
# 
loop_
_database_2.database_id 
_database_2.database_code 
_database_2.pdbx_database_accession 
_database_2.pdbx_DOI 
PDB   2JKU         pdb_00002jku 10.2210/pdb2jku/pdb 
PDBE  EBI-37365    ?            ?                   
WWPDB D_1290037365 ?            ?                   
# 
_pdbx_database_related.db_name        PDB 
_pdbx_database_related.db_id          2CQY 
_pdbx_database_related.content_type   unspecified 
_pdbx_database_related.details        'SOLUTION STRUCTURE OF B DOMAIN FROM HUMAN PROPIONYL-COACARBOXYLASE ALPHA SUBUNIT' 
# 
_pdbx_database_status.status_code                     REL 
_pdbx_database_status.entry_id                        2JKU 
_pdbx_database_status.deposit_site                    PDBE 
_pdbx_database_status.process_site                    PDBE 
_pdbx_database_status.SG_entry                        . 
_pdbx_database_status.recvd_initial_deposition_date   2008-08-30 
_pdbx_database_status.pdb_format_compatible           Y 
_pdbx_database_status.status_code_sf                  REL 
_pdbx_database_status.status_code_mr                  ? 
_pdbx_database_status.status_code_cs                  ? 
_pdbx_database_status.methods_development_category    ? 
_pdbx_database_status.status_code_nmr_data            ? 
# 
loop_
_audit_author.name 
_audit_author.pdbx_ordinal 
_audit_author.identifier_ORCID 
'Healy, S.'           1  ? 
'Yue, W.W.'           2  ? 
'Kochan, G.'          3  ? 
'Pilka, E.S.'         4  ? 
'Murray, J.W.'        5  ? 
'Roos, A.K.'          6  ? 
'Filippakopoulos, P.' 7  ? 
'von Delft, F.'       8  ? 
'Arrowsmith, C.'      9  ? 
'Wikstrom, M.'        10 ? 
'Edwards, A.'         11 ? 
'Bountra, C.'         12 ? 
'Gravel, R.A.'        13 ? 
'Oppermann, U.'       14 ? 
# 
_citation.id                        primary 
_citation.title                     
'Structural impact of human and Escherichia coli biotin carboxyl carrier proteins on biotin attachment.' 
_citation.journal_abbrev            Biochemistry 
_citation.journal_volume            49 
_citation.page_first                4687 
_citation.page_last                 4694 
_citation.year                      2010 
_citation.journal_id_ASTM           BICHAW 
_citation.country                   US 
_citation.journal_id_ISSN           1520-4995 
_citation.journal_id_CSD            0033 
_citation.book_publisher            ? 
_citation.pdbx_database_id_PubMed   20443544 
_citation.pdbx_database_id_DOI      10.1021/bi901612y 
# 
loop_
_citation_author.citation_id 
_citation_author.name 
_citation_author.ordinal 
_citation_author.identifier_ORCID 
primary 'Healy, S.'      1 ? 
primary 'McDonald, M.K.' 2 ? 
primary 'Wu, X.'         3 ? 
primary 'Yue, W.W.'      4 ? 
primary 'Kochan, G.'     5 ? 
primary 'Oppermann, U.'  6 ? 
primary 'Gravel, R.A.'   7 ? 
# 
_cell.entry_id           2JKU 
_cell.length_a           56.107 
_cell.length_b           56.107 
_cell.length_c           58.083 
_cell.angle_alpha        90.00 
_cell.angle_beta         90.00 
_cell.angle_gamma        120.00 
_cell.Z_PDB              12 
_cell.pdbx_unique_axis   ? 
# 
_symmetry.entry_id                         2JKU 
_symmetry.space_group_name_H-M             'P 64 2 2' 
_symmetry.pdbx_full_space_group_name_H-M   ? 
_symmetry.cell_setting                     ? 
_symmetry.Int_Tables_number                181 
# 
loop_
_entity.id 
_entity.type 
_entity.src_method 
_entity.pdbx_description 
_entity.formula_weight 
_entity.pdbx_number_of_molecules 
_entity.pdbx_ec 
_entity.pdbx_mutation 
_entity.pdbx_fragment 
_entity.details 
1 polymer     man 'PROPIONYL-COA CARBOXYLASE ALPHA CHAIN, MITOCHONDRIAL' 9940.248 1  6.4.1.3 ? 
'BIOTIN ACCEPTOR DOMAIN, RESIDUES 633-703' ? 
2 non-polymer syn 'TETRAETHYLENE GLYCOL'                                 194.226  2  ?       ? ? ? 
3 water       nat water                                                  18.015   58 ?       ? ? ? 
# 
_entity_name_com.entity_id   1 
_entity_name_com.name        'PROPANOYL-COA\:CARBON DIOXIDE LIGASE SUBUNIT ALPHA' 
# 
_entity_poly.entity_id                      1 
_entity_poly.type                           'polypeptide(L)' 
_entity_poly.nstd_linkage                   no 
_entity_poly.nstd_monomer                   no 
_entity_poly.pdbx_seq_one_letter_code       
;MHHHHHHSSGVDLGTENLYFQSMTSSVLRSPMPGVVVAVSVKPGDAVAEGQEICVIEAMKMQNSMTAGKTGTVKSVHCQA
GDTVGEGDLLVELE
;
_entity_poly.pdbx_seq_one_letter_code_can   
;MHHHHHHSSGVDLGTENLYFQSMTSSVLRSPMPGVVVAVSVKPGDAVAEGQEICVIEAMKMQNSMTAGKTGTVKSVHCQA
GDTVGEGDLLVELE
;
_entity_poly.pdbx_strand_id                 A 
_entity_poly.pdbx_target_identifier         ? 
# 
loop_
_entity_poly_seq.entity_id 
_entity_poly_seq.num 
_entity_poly_seq.mon_id 
_entity_poly_seq.hetero 
1 1  MET n 
1 2  HIS n 
1 3  HIS n 
1 4  HIS n 
1 5  HIS n 
1 6  HIS n 
1 7  HIS n 
1 8  SER n 
1 9  SER n 
1 10 GLY n 
1 11 VAL n 
1 12 ASP n 
1 13 LEU n 
1 14 GLY n 
1 15 THR n 
1 16 GLU n 
1 17 ASN n 
1 18 LEU n 
1 19 TYR n 
1 20 PHE n 
1 21 GLN n 
1 22 SER n 
1 23 MET n 
1 24 THR n 
1 25 SER n 
1 26 SER n 
1 27 VAL n 
1 28 LEU n 
1 29 ARG n 
1 30 SER n 
1 31 PRO n 
1 32 MET n 
1 33 PRO n 
1 34 GLY n 
1 35 VAL n 
1 36 VAL n 
1 37 VAL n 
1 38 ALA n 
1 39 VAL n 
1 40 SER n 
1 41 VAL n 
1 42 LYS n 
1 43 PRO n 
1 44 GLY n 
1 45 ASP n 
1 46 ALA n 
1 47 VAL n 
1 48 ALA n 
1 49 GLU n 
1 50 GLY n 
1 51 GLN n 
1 52 GLU n 
1 53 ILE n 
1 54 CYS n 
1 55 VAL n 
1 56 ILE n 
1 57 GLU n 
1 58 ALA n 
1 59 MET n 
1 60 LYS n 
1 61 MET n 
1 62 GLN n 
1 63 ASN n 
1 64 SER n 
1 65 MET n 
1 66 THR n 
1 67 ALA n 
1 68 GLY n 
1 69 LYS n 
1 70 THR n 
1 71 GLY n 
1 72 THR n 
1 73 VAL n 
1 74 LYS n 
1 75 SER n 
1 76 VAL n 
1 77 HIS n 
1 78 CYS n 
1 79 GLN n 
1 80 ALA n 
1 81 GLY n 
1 82 ASP n 
1 83 THR n 
1 84 VAL n 
1 85 GLY n 
1 86 GLU n 
1 87 GLY n 
1 88 ASP n 
1 89 LEU n 
1 90 LEU n 
1 91 VAL n 
1 92 GLU n 
1 93 LEU n 
1 94 GLU n 
# 
_entity_src_gen.entity_id                          1 
_entity_src_gen.pdbx_src_id                        1 
_entity_src_gen.pdbx_alt_source_flag               sample 
_entity_src_gen.pdbx_seq_type                      ? 
_entity_src_gen.pdbx_beg_seq_num                   ? 
_entity_src_gen.pdbx_end_seq_num                   ? 
_entity_src_gen.gene_src_common_name               HUMAN 
_entity_src_gen.gene_src_genus                     ? 
_entity_src_gen.pdbx_gene_src_gene                 ? 
_entity_src_gen.gene_src_species                   ? 
_entity_src_gen.gene_src_strain                    ? 
_entity_src_gen.gene_src_tissue                    ? 
_entity_src_gen.gene_src_tissue_fraction           ? 
_entity_src_gen.gene_src_details                   ? 
_entity_src_gen.pdbx_gene_src_fragment             ? 
_entity_src_gen.pdbx_gene_src_scientific_name      'HOMO SAPIENS' 
_entity_src_gen.pdbx_gene_src_ncbi_taxonomy_id     9606 
_entity_src_gen.pdbx_gene_src_variant              ? 
_entity_src_gen.pdbx_gene_src_cell_line            ? 
_entity_src_gen.pdbx_gene_src_atcc                 ? 
_entity_src_gen.pdbx_gene_src_organ                ? 
_entity_src_gen.pdbx_gene_src_organelle            MITOCHONDRIA 
_entity_src_gen.pdbx_gene_src_cell                 ? 
_entity_src_gen.pdbx_gene_src_cellular_location    ? 
_entity_src_gen.host_org_common_name               ? 
_entity_src_gen.pdbx_host_org_scientific_name      'ESCHERICHIA COLI' 
_entity_src_gen.pdbx_host_org_ncbi_taxonomy_id     469008 
_entity_src_gen.host_org_genus                     ? 
_entity_src_gen.pdbx_host_org_gene                 ? 
_entity_src_gen.pdbx_host_org_organ                ? 
_entity_src_gen.host_org_species                   ? 
_entity_src_gen.pdbx_host_org_tissue               ? 
_entity_src_gen.pdbx_host_org_tissue_fraction      ? 
_entity_src_gen.pdbx_host_org_strain               'BL21(DE3)' 
_entity_src_gen.pdbx_host_org_variant              R3-PRARE2 
_entity_src_gen.pdbx_host_org_cell_line            ? 
_entity_src_gen.pdbx_host_org_atcc                 ? 
_entity_src_gen.pdbx_host_org_culture_collection   ? 
_entity_src_gen.pdbx_host_org_cell                 ? 
_entity_src_gen.pdbx_host_org_organelle            ? 
_entity_src_gen.pdbx_host_org_cellular_location    ? 
_entity_src_gen.pdbx_host_org_vector_type          ? 
_entity_src_gen.pdbx_host_org_vector               ? 
_entity_src_gen.host_org_details                   ? 
_entity_src_gen.expression_system_id               ? 
_entity_src_gen.plasmid_name                       PNIC28-BSA4 
_entity_src_gen.plasmid_details                    ? 
_entity_src_gen.pdbx_description                   ? 
# 
_struct_ref.id                         1 
_struct_ref.db_name                    UNP 
_struct_ref.db_code                    PCCA_HUMAN 
_struct_ref.entity_id                  1 
_struct_ref.pdbx_seq_one_letter_code   ? 
_struct_ref.pdbx_align_begin           ? 
_struct_ref.pdbx_db_accession          P05165 
_struct_ref.pdbx_db_isoform            ? 
# 
_struct_ref_seq.align_id                      1 
_struct_ref_seq.ref_id                        1 
_struct_ref_seq.pdbx_PDB_id_code              2JKU 
_struct_ref_seq.pdbx_strand_id                A 
_struct_ref_seq.seq_align_beg                 24 
_struct_ref_seq.pdbx_seq_align_beg_ins_code   ? 
_struct_ref_seq.seq_align_end                 94 
_struct_ref_seq.pdbx_seq_align_end_ins_code   ? 
_struct_ref_seq.pdbx_db_accession             P05165 
_struct_ref_seq.db_align_beg                  633 
_struct_ref_seq.pdbx_db_align_beg_ins_code    ? 
_struct_ref_seq.db_align_end                  703 
_struct_ref_seq.pdbx_db_align_end_ins_code    ? 
_struct_ref_seq.pdbx_auth_seq_align_beg       633 
_struct_ref_seq.pdbx_auth_seq_align_end       703 
# 
loop_
_struct_ref_seq_dif.align_id 
_struct_ref_seq_dif.pdbx_pdb_id_code 
_struct_ref_seq_dif.mon_id 
_struct_ref_seq_dif.pdbx_pdb_strand_id 
_struct_ref_seq_dif.seq_num 
_struct_ref_seq_dif.pdbx_pdb_ins_code 
_struct_ref_seq_dif.pdbx_seq_db_name 
_struct_ref_seq_dif.pdbx_seq_db_accession_code 
_struct_ref_seq_dif.db_mon_id 
_struct_ref_seq_dif.pdbx_seq_db_seq_num 
_struct_ref_seq_dif.details 
_struct_ref_seq_dif.pdbx_auth_seq_num 
_struct_ref_seq_dif.pdbx_ordinal 
1 2JKU MET A 1  ? UNP P05165 ? ? 'expression tag' 610 1  
1 2JKU HIS A 2  ? UNP P05165 ? ? 'expression tag' 611 2  
1 2JKU HIS A 3  ? UNP P05165 ? ? 'expression tag' 612 3  
1 2JKU HIS A 4  ? UNP P05165 ? ? 'expression tag' 613 4  
1 2JKU HIS A 5  ? UNP P05165 ? ? 'expression tag' 614 5  
1 2JKU HIS A 6  ? UNP P05165 ? ? 'expression tag' 615 6  
1 2JKU HIS A 7  ? UNP P05165 ? ? 'expression tag' 616 7  
1 2JKU SER A 8  ? UNP P05165 ? ? 'expression tag' 617 8  
1 2JKU SER A 9  ? UNP P05165 ? ? 'expression tag' 618 9  
1 2JKU GLY A 10 ? UNP P05165 ? ? 'expression tag' 619 10 
1 2JKU VAL A 11 ? UNP P05165 ? ? 'expression tag' 620 11 
1 2JKU ASP A 12 ? UNP P05165 ? ? 'expression tag' 621 12 
1 2JKU LEU A 13 ? UNP P05165 ? ? 'expression tag' 622 13 
1 2JKU GLY A 14 ? UNP P05165 ? ? 'expression tag' 623 14 
1 2JKU THR A 15 ? UNP P05165 ? ? 'expression tag' 624 15 
1 2JKU GLU A 16 ? UNP P05165 ? ? 'expression tag' 625 16 
1 2JKU ASN A 17 ? UNP P05165 ? ? 'expression tag' 626 17 
1 2JKU LEU A 18 ? UNP P05165 ? ? 'expression tag' 627 18 
1 2JKU TYR A 19 ? UNP P05165 ? ? 'expression tag' 628 19 
1 2JKU PHE A 20 ? UNP P05165 ? ? 'expression tag' 629 20 
1 2JKU GLN A 21 ? UNP P05165 ? ? 'expression tag' 630 21 
1 2JKU SER A 22 ? UNP P05165 ? ? 'expression tag' 631 22 
1 2JKU MET A 23 ? UNP P05165 ? ? 'expression tag' 632 23 
# 
loop_
_chem_comp.id 
_chem_comp.type 
_chem_comp.mon_nstd_flag 
_chem_comp.name 
_chem_comp.pdbx_synonyms 
_chem_comp.formula 
_chem_comp.formula_weight 
ALA 'L-peptide linking' y ALANINE                ? 'C3 H7 N O2'     89.093  
ARG 'L-peptide linking' y ARGININE               ? 'C6 H15 N4 O2 1' 175.209 
ASN 'L-peptide linking' y ASPARAGINE             ? 'C4 H8 N2 O3'    132.118 
ASP 'L-peptide linking' y 'ASPARTIC ACID'        ? 'C4 H7 N O4'     133.103 
CYS 'L-peptide linking' y CYSTEINE               ? 'C3 H7 N O2 S'   121.158 
GLN 'L-peptide linking' y GLUTAMINE              ? 'C5 H10 N2 O3'   146.144 
GLU 'L-peptide linking' y 'GLUTAMIC ACID'        ? 'C5 H9 N O4'     147.129 
GLY 'peptide linking'   y GLYCINE                ? 'C2 H5 N O2'     75.067  
HIS 'L-peptide linking' y HISTIDINE              ? 'C6 H10 N3 O2 1' 156.162 
HOH non-polymer         . WATER                  ? 'H2 O'           18.015  
ILE 'L-peptide linking' y ISOLEUCINE             ? 'C6 H13 N O2'    131.173 
LEU 'L-peptide linking' y LEUCINE                ? 'C6 H13 N O2'    131.173 
LYS 'L-peptide linking' y LYSINE                 ? 'C6 H15 N2 O2 1' 147.195 
MET 'L-peptide linking' y METHIONINE             ? 'C5 H11 N O2 S'  149.211 
PG4 non-polymer         . 'TETRAETHYLENE GLYCOL' ? 'C8 H18 O5'      194.226 
PHE 'L-peptide linking' y PHENYLALANINE          ? 'C9 H11 N O2'    165.189 
PRO 'L-peptide linking' y PROLINE                ? 'C5 H9 N O2'     115.130 
SER 'L-peptide linking' y SERINE                 ? 'C3 H7 N O3'     105.093 
THR 'L-peptide linking' y THREONINE              ? 'C4 H9 N O3'     119.119 
TYR 'L-peptide linking' y TYROSINE               ? 'C9 H11 N O3'    181.189 
VAL 'L-peptide linking' y VALINE                 ? 'C5 H11 N O2'    117.146 
# 
_exptl.entry_id          2JKU 
_exptl.method            'X-RAY DIFFRACTION' 
_exptl.crystals_number   1 
# 
_exptl_crystal.id                    1 
_exptl_crystal.density_meas          ? 
_exptl_crystal.density_Matthews      3.57 
_exptl_crystal.density_percent_sol   65.53 
_exptl_crystal.description           NONE 
_exptl_crystal.preparation           ? 
# 
_exptl_crystal_grow.crystal_id      1 
_exptl_crystal_grow.method          ? 
_exptl_crystal_grow.temp            ? 
_exptl_crystal_grow.temp_details    ? 
_exptl_crystal_grow.pH              ? 
_exptl_crystal_grow.pdbx_pH_range   ? 
_exptl_crystal_grow.pdbx_details    '20% PEG 3350, 0.20M NA FORMATE' 
# 
_diffrn.id                     1 
_diffrn.ambient_temp           100 
_diffrn.ambient_temp_details   ? 
_diffrn.crystal_id             1 
# 
_diffrn_detector.diffrn_id              1 
_diffrn_detector.detector               CCD 
_diffrn_detector.type                   MARRESEARCH 
_diffrn_detector.pdbx_collection_date   2008-06-21 
_diffrn_detector.details                ? 
# 
_diffrn_radiation.diffrn_id                        1 
_diffrn_radiation.wavelength_id                    1 
_diffrn_radiation.pdbx_monochromatic_or_laue_m_l   M 
_diffrn_radiation.monochromator                    'SI (111)' 
_diffrn_radiation.pdbx_diffrn_protocol             'SINGLE WAVELENGTH' 
_diffrn_radiation.pdbx_scattering_type             x-ray 
# 
_diffrn_radiation_wavelength.id           1 
_diffrn_radiation_wavelength.wavelength   0.97628 
_diffrn_radiation_wavelength.wt           1.0 
# 
_diffrn_source.diffrn_id                   1 
_diffrn_source.source                      SYNCHROTRON 
_diffrn_source.type                        'SLS BEAMLINE X10SA' 
_diffrn_source.pdbx_synchrotron_site       SLS 
_diffrn_source.pdbx_synchrotron_beamline   X10SA 
_diffrn_source.pdbx_wavelength             0.97628 
_diffrn_source.pdbx_wavelength_list        ? 
# 
_reflns.pdbx_diffrn_id               1 
_reflns.pdbx_ordinal                 1 
_reflns.entry_id                     2JKU 
_reflns.observed_criterion_sigma_I   2.0 
_reflns.observed_criterion_sigma_F   ? 
_reflns.d_resolution_low             48.56 
_reflns.d_resolution_high            1.50 
_reflns.number_obs                   10251 
_reflns.number_all                   ? 
_reflns.percent_possible_obs         99.9 
_reflns.pdbx_Rmerge_I_obs            0.08 
_reflns.pdbx_Rsym_value              ? 
_reflns.pdbx_netI_over_sigmaI        23.60 
_reflns.B_iso_Wilson_estimate        ? 
_reflns.pdbx_redundancy              12.7 
# 
_reflns_shell.pdbx_diffrn_id         1 
_reflns_shell.pdbx_ordinal           1 
_reflns_shell.d_res_high             1.50 
_reflns_shell.d_res_low              1.60 
_reflns_shell.percent_possible_all   100.0 
_reflns_shell.Rmerge_I_obs           0.44 
_reflns_shell.pdbx_Rsym_value        ? 
_reflns_shell.meanI_over_sigI_obs    5.20 
_reflns_shell.pdbx_redundancy        13.4 
# 
_refine.pdbx_refine_id                           'X-RAY DIFFRACTION' 
_refine.entry_id                                 2JKU 
_refine.pdbx_diffrn_id                           1 
_refine.pdbx_TLS_residual_ADP_flag               ? 
_refine.ls_number_reflns_obs                     8711 
_refine.ls_number_reflns_all                     ? 
_refine.pdbx_ls_sigma_I                          ? 
_refine.pdbx_ls_sigma_F                          ? 
_refine.pdbx_data_cutoff_high_absF               ? 
_refine.pdbx_data_cutoff_low_absF                ? 
_refine.pdbx_data_cutoff_high_rms_absF           ? 
_refine.ls_d_res_low                             28.12 
_refine.ls_d_res_high                            1.50 
_refine.ls_percent_reflns_obs                    100.0 
_refine.ls_R_factor_obs                          0.149 
_refine.ls_R_factor_all                          ? 
_refine.ls_R_factor_R_work                       0.148 
_refine.ls_R_factor_R_free                       0.166 
_refine.ls_R_factor_R_free_error                 ? 
_refine.ls_R_factor_R_free_error_details         ? 
_refine.ls_percent_reflns_R_free                 4.800 
_refine.ls_number_reflns_R_free                  438 
_refine.ls_number_parameters                     ? 
_refine.ls_number_restraints                     ? 
_refine.occupancy_min                            ? 
_refine.occupancy_max                            ? 
_refine.correlation_coeff_Fo_to_Fc               0.969 
_refine.correlation_coeff_Fo_to_Fc_free          0.966 
_refine.B_iso_mean                               12.85 
_refine.aniso_B[1][1]                            -0.06000 
_refine.aniso_B[2][2]                            -0.06000 
_refine.aniso_B[3][3]                            0.10000 
_refine.aniso_B[1][2]                            -0.03000 
_refine.aniso_B[1][3]                            0.00000 
_refine.aniso_B[2][3]                            0.00000 
_refine.solvent_model_details                    MASK 
_refine.solvent_model_param_ksol                 ? 
_refine.solvent_model_param_bsol                 ? 
_refine.pdbx_solvent_vdw_probe_radii             1.20 
_refine.pdbx_solvent_ion_probe_radii             0.80 
_refine.pdbx_solvent_shrinkage_radii             0.80 
_refine.pdbx_ls_cross_valid_method               THROUGHOUT 
_refine.details                                  'HYDROGENS HAVE BEEN ADDED IN THE RIDING POSITIONS.' 
_refine.pdbx_starting_model                      'PDB ENTRIES 2D5D, 3BG3' 
_refine.pdbx_method_to_determine_struct          'MOLECULAR REPLACEMENT' 
_refine.pdbx_isotropic_thermal_model             ? 
_refine.pdbx_stereochemistry_target_values       'MAXIMUM LIKELIHOOD' 
_refine.pdbx_stereochem_target_val_spec_case     ? 
_refine.pdbx_R_Free_selection_details            RANDOM 
_refine.pdbx_overall_ESU_R                       0.056 
_refine.pdbx_overall_ESU_R_Free                  0.050 
_refine.overall_SU_ML                            0.027 
_refine.pdbx_overall_phase_error                 ? 
_refine.overall_SU_B                             1.564 
_refine.overall_SU_R_Cruickshank_DPI             ? 
_refine.pdbx_overall_SU_R_free_Cruickshank_DPI   ? 
_refine.pdbx_overall_SU_R_Blow_DPI               ? 
_refine.pdbx_overall_SU_R_free_Blow_DPI          ? 
# 
_refine_hist.pdbx_refine_id                   'X-RAY DIFFRACTION' 
_refine_hist.cycle_id                         LAST 
_refine_hist.pdbx_number_atoms_protein        242 
_refine_hist.pdbx_number_atoms_nucleic_acid   0 
_refine_hist.pdbx_number_atoms_ligand         23 
_refine_hist.number_atoms_solvent             58 
_refine_hist.number_atoms_total               323 
_refine_hist.d_res_high                       1.50 
_refine_hist.d_res_low                        28.12 
# 
loop_
_refine_ls_restr.type 
_refine_ls_restr.dev_ideal 
_refine_ls_restr.dev_ideal_target 
_refine_ls_restr.weight 
_refine_ls_restr.number 
_refine_ls_restr.pdbx_refine_id 
_refine_ls_restr.pdbx_restraint_function 
r_bond_refined_d             0.011  0.023  ? 289 'X-RAY DIFFRACTION' ? 
r_bond_other_d               0.002  0.020  ? 202 'X-RAY DIFFRACTION' ? 
r_angle_refined_deg          1.546  2.120  ? 389 'X-RAY DIFFRACTION' ? 
r_angle_other_deg            0.893  3.018  ? 469 'X-RAY DIFFRACTION' ? 
r_dihedral_angle_1_deg       5.668  5.000  ? 41  'X-RAY DIFFRACTION' ? 
r_dihedral_angle_2_deg       25.095 26.667 ? 6   'X-RAY DIFFRACTION' ? 
r_dihedral_angle_3_deg       10.220 15.000 ? 47  'X-RAY DIFFRACTION' ? 
r_dihedral_angle_4_deg       10.952 15.000 ? 1   'X-RAY DIFFRACTION' ? 
r_chiral_restr               0.077  0.200  ? 50  'X-RAY DIFFRACTION' ? 
r_gen_planes_refined         0.005  0.021  ? 294 'X-RAY DIFFRACTION' ? 
r_gen_planes_other           0.001  0.020  ? 39  'X-RAY DIFFRACTION' ? 
r_nbd_refined                ?      ?      ? ?   'X-RAY DIFFRACTION' ? 
r_nbd_other                  ?      ?      ? ?   'X-RAY DIFFRACTION' ? 
r_nbtor_refined              ?      ?      ? ?   'X-RAY DIFFRACTION' ? 
r_nbtor_other                ?      ?      ? ?   'X-RAY DIFFRACTION' ? 
r_xyhbond_nbd_refined        ?      ?      ? ?   'X-RAY DIFFRACTION' ? 
r_xyhbond_nbd_other          ?      ?      ? ?   'X-RAY DIFFRACTION' ? 
r_metal_ion_refined          ?      ?      ? ?   'X-RAY DIFFRACTION' ? 
r_metal_ion_other            ?      ?      ? ?   'X-RAY DIFFRACTION' ? 
r_symmetry_vdw_refined       ?      ?      ? ?   'X-RAY DIFFRACTION' ? 
r_symmetry_vdw_other         ?      ?      ? ?   'X-RAY DIFFRACTION' ? 
r_symmetry_hbond_refined     ?      ?      ? ?   'X-RAY DIFFRACTION' ? 
r_symmetry_hbond_other       ?      ?      ? ?   'X-RAY DIFFRACTION' ? 
r_symmetry_metal_ion_refined ?      ?      ? ?   'X-RAY DIFFRACTION' ? 
r_symmetry_metal_ion_other   ?      ?      ? ?   'X-RAY DIFFRACTION' ? 
r_mcbond_it                  2.330  3.000  ? 188 'X-RAY DIFFRACTION' ? 
r_mcbond_other               ?      ?      ? ?   'X-RAY DIFFRACTION' ? 
r_mcangle_it                 3.823  5.000  ? 311 'X-RAY DIFFRACTION' ? 
r_mcangle_other              ?      ?      ? ?   'X-RAY DIFFRACTION' ? 
r_scbond_it                  5.842  7.000  ? 101 'X-RAY DIFFRACTION' ? 
r_scbond_other               ?      ?      ? ?   'X-RAY DIFFRACTION' ? 
r_scangle_it                 7.248  11.000 ? 75  'X-RAY DIFFRACTION' ? 
r_scangle_other              ?      ?      ? ?   'X-RAY DIFFRACTION' ? 
r_long_range_B_refined       ?      ?      ? ?   'X-RAY DIFFRACTION' ? 
r_long_range_B_other         ?      ?      ? ?   'X-RAY DIFFRACTION' ? 
r_rigid_bond_restr           ?      ?      ? ?   'X-RAY DIFFRACTION' ? 
r_sphericity_free            ?      ?      ? ?   'X-RAY DIFFRACTION' ? 
r_sphericity_bonded          ?      ?      ? ?   'X-RAY DIFFRACTION' ? 
# 
_refine_ls_shell.pdbx_refine_id                   'X-RAY DIFFRACTION' 
_refine_ls_shell.pdbx_total_number_of_bins_used   20 
_refine_ls_shell.d_res_high                       1.50 
_refine_ls_shell.d_res_low                        1.54 
_refine_ls_shell.number_reflns_R_work             614 
_refine_ls_shell.R_factor_R_work                  0.1910 
_refine_ls_shell.percent_reflns_obs               ? 
_refine_ls_shell.R_factor_R_free                  0.2240 
_refine_ls_shell.R_factor_R_free_error            ? 
_refine_ls_shell.percent_reflns_R_free            ? 
_refine_ls_shell.number_reflns_R_free             33 
_refine_ls_shell.number_reflns_all                ? 
_refine_ls_shell.R_factor_all                     ? 
# 
_struct.entry_id                  2JKU 
_struct.title                     
'Crystal structure of the N-terminal region of the biotin acceptor domain of human propionyl-CoA carboxylase' 
_struct.pdbx_model_details        ? 
_struct.pdbx_CASP_flag            ? 
_struct.pdbx_model_type_details   ? 
# 
_struct_keywords.entry_id        2JKU 
_struct_keywords.pdbx_keywords   LIGASE 
_struct_keywords.text            
'LIGASE, BIOTIN, ATP-BINDING, DISEASE MUTATION, NUCLEOTIDE-BINDING, MITOCHONDRION, PHOSPHOPROTEIN, TRANSIT PEPTIDE' 
# 
loop_
_struct_asym.id 
_struct_asym.pdbx_blank_PDB_chainid_flag 
_struct_asym.pdbx_modified 
_struct_asym.entity_id 
_struct_asym.details 
A N N 1 ? 
B N N 2 ? 
C N N 2 ? 
D N N 3 ? 
# 
_struct_sheet.id               AA 
_struct_sheet.type             ? 
_struct_sheet.number_strands   2 
_struct_sheet.details          ? 
# 
_struct_sheet_order.sheet_id     AA 
_struct_sheet_order.range_id_1   1 
_struct_sheet_order.range_id_2   2 
_struct_sheet_order.offset       ? 
_struct_sheet_order.sense        anti-parallel 
# 
loop_
_struct_sheet_range.sheet_id 
_struct_sheet_range.id 
_struct_sheet_range.beg_label_comp_id 
_struct_sheet_range.beg_label_asym_id 
_struct_sheet_range.beg_label_seq_id 
_struct_sheet_range.pdbx_beg_PDB_ins_code 
_struct_sheet_range.end_label_comp_id 
_struct_sheet_range.end_label_asym_id 
_struct_sheet_range.end_label_seq_id 
_struct_sheet_range.pdbx_end_PDB_ins_code 
_struct_sheet_range.beg_auth_comp_id 
_struct_sheet_range.beg_auth_asym_id 
_struct_sheet_range.beg_auth_seq_id 
_struct_sheet_range.end_auth_comp_id 
_struct_sheet_range.end_auth_asym_id 
_struct_sheet_range.end_auth_seq_id 
AA 1 VAL A 35 ? VAL A 39 ? VAL A 644 VAL A 648 
AA 2 CYS A 54 ? GLU A 57 ? CYS A 663 GLU A 666 
# 
_pdbx_struct_sheet_hbond.sheet_id                AA 
_pdbx_struct_sheet_hbond.range_id_1              1 
_pdbx_struct_sheet_hbond.range_id_2              2 
_pdbx_struct_sheet_hbond.range_1_label_atom_id   N 
_pdbx_struct_sheet_hbond.range_1_label_comp_id   VAL 
_pdbx_struct_sheet_hbond.range_1_label_asym_id   A 
_pdbx_struct_sheet_hbond.range_1_label_seq_id    37 
_pdbx_struct_sheet_hbond.range_1_PDB_ins_code    ? 
_pdbx_struct_sheet_hbond.range_1_auth_atom_id    N 
_pdbx_struct_sheet_hbond.range_1_auth_comp_id    VAL 
_pdbx_struct_sheet_hbond.range_1_auth_asym_id    A 
_pdbx_struct_sheet_hbond.range_1_auth_seq_id     646 
_pdbx_struct_sheet_hbond.range_2_label_atom_id   O 
_pdbx_struct_sheet_hbond.range_2_label_comp_id   VAL 
_pdbx_struct_sheet_hbond.range_2_label_asym_id   A 
_pdbx_struct_sheet_hbond.range_2_label_seq_id    55 
_pdbx_struct_sheet_hbond.range_2_PDB_ins_code    ? 
_pdbx_struct_sheet_hbond.range_2_auth_atom_id    O 
_pdbx_struct_sheet_hbond.range_2_auth_comp_id    VAL 
_pdbx_struct_sheet_hbond.range_2_auth_asym_id    A 
_pdbx_struct_sheet_hbond.range_2_auth_seq_id     664 
# 
loop_
_struct_site.id 
_struct_site.pdbx_evidence_code 
_struct_site.pdbx_auth_asym_id 
_struct_site.pdbx_auth_comp_id 
_struct_site.pdbx_auth_seq_id 
_struct_site.pdbx_auth_ins_code 
_struct_site.pdbx_num_residues 
_struct_site.details 
AC1 Software A PG4 1668 ? 5 'BINDING SITE FOR RESIDUE PG4 A 1668' 
AC2 Software A PG4 1669 ? 7 'BINDING SITE FOR RESIDUE PG4 A 1669' 
# 
loop_
_struct_site_gen.id 
_struct_site_gen.site_id 
_struct_site_gen.pdbx_num_res 
_struct_site_gen.label_comp_id 
_struct_site_gen.label_asym_id 
_struct_site_gen.label_seq_id 
_struct_site_gen.pdbx_auth_ins_code 
_struct_site_gen.auth_comp_id 
_struct_site_gen.auth_asym_id 
_struct_site_gen.auth_seq_id 
_struct_site_gen.label_atom_id 
_struct_site_gen.label_alt_id 
_struct_site_gen.symmetry 
_struct_site_gen.details 
1  AC1 5 SER A 25 ? SER A 634  . ? 11_455 ? 
2  AC1 5 VAL A 27 ? VAL A 636  . ? 11_455 ? 
3  AC1 5 ALA A 38 ? ALA A 647  . ? 1_555  ? 
4  AC1 5 GLU A 52 ? GLU A 661  . ? 1_555  ? 
5  AC1 5 VAL A 55 ? VAL A 664  . ? 1_555  ? 
6  AC2 7 ARG A 29 ? ARG A 638  . ? 11_455 ? 
7  AC2 7 ARG A 29 ? ARG A 638  . ? 8_555  ? 
8  AC2 7 GLU A 49 ? GLU A 658  . ? 1_555  ? 
9  AC2 7 GLU A 49 ? GLU A 658  . ? 4_455  ? 
10 AC2 7 GLY A 50 ? GLY A 659  . ? 1_555  ? 
11 AC2 7 GLY A 50 ? GLY A 659  . ? 4_455  ? 
12 AC2 7 HOH D .  ? HOH A 2058 . ? 1_555  ? 
# 
_atom_sites.entry_id                    2JKU 
_atom_sites.fract_transf_matrix[1][1]   0.00310116 
_atom_sites.fract_transf_matrix[1][2]   -0.00082434 
_atom_sites.fract_transf_matrix[1][3]   -0.02032847 
_atom_sites.fract_transf_matrix[2][1]   0.00349579 
_atom_sites.fract_transf_matrix[2][2]   -0.01809950 
_atom_sites.fract_transf_matrix[2][3]   -0.00915008 
_atom_sites.fract_transf_matrix[3][1]   -0.01691636 
_atom_sites.fract_transf_matrix[3][2]   -0.00200373 
_atom_sites.fract_transf_matrix[3][3]   -0.00249938 
_atom_sites.fract_transf_vector[1]      -0.418715 
_atom_sites.fract_transf_vector[2]      0.160523 
_atom_sites.fract_transf_vector[3]      -0.021437 
# 
loop_
_atom_type.symbol 
C 
N 
O 
S 
# 
loop_
_atom_site.group_PDB 
_atom_site.id 
_atom_site.type_symbol 
_atom_site.label_atom_id 
_atom_site.label_alt_id 
_atom_site.label_comp_id 
_atom_site.label_asym_id 
_atom_site.label_entity_id 
_atom_site.label_seq_id 
_atom_site.pdbx_PDB_ins_code 
_atom_site.Cartn_x 
_atom_site.Cartn_y 
_atom_site.Cartn_z 
_atom_site.occupancy 
_atom_site.B_iso_or_equiv 
_atom_site.pdbx_formal_charge 
_atom_site.auth_seq_id 
_atom_site.auth_comp_id 
_atom_site.auth_asym_id 
_atom_site.auth_atom_id 
_atom_site.pdbx_PDB_model_num 
ATOM   1   N N   . THR A 1 24 ? -7.218  -2.301  16.103  1.00 40.42 ? 633  THR A N   1 
ATOM   2   C CA  . THR A 1 24 ? -6.099  -3.264  15.891  1.00 37.71 ? 633  THR A CA  1 
ATOM   3   C C   . THR A 1 24 ? -5.628  -3.333  14.425  1.00 34.07 ? 633  THR A C   1 
ATOM   4   O O   . THR A 1 24 ? -4.532  -3.824  14.154  1.00 31.12 ? 633  THR A O   1 
ATOM   5   C CB  . THR A 1 24 ? -6.513  -4.680  16.307  1.00 39.33 ? 633  THR A CB  1 
ATOM   6   O OG1 . THR A 1 24 ? -7.729  -5.033  15.635  1.00 43.63 ? 633  THR A OG1 1 
ATOM   7   C CG2 . THR A 1 24 ? -6.727  -4.765  17.819  1.00 43.41 ? 633  THR A CG2 1 
ATOM   8   N N   . SER A 1 25 ? -6.448  -2.869  13.486  1.00 31.65 ? 634  SER A N   1 
ATOM   9   C CA  . SER A 1 25 ? -6.099  -2.983  12.067  1.00 29.80 ? 634  SER A CA  1 
ATOM   10  C C   . SER A 1 25 ? -6.269  -1.677  11.302  1.00 26.77 ? 634  SER A C   1 
ATOM   11  O O   . SER A 1 25 ? -7.090  -0.823  11.664  1.00 30.91 ? 634  SER A O   1 
ATOM   12  C CB  . SER A 1 25 ? -6.945  -4.053  11.398  1.00 31.64 ? 634  SER A CB  1 
ATOM   13  O OG  . SER A 1 25 ? -8.175  -3.498  10.981  1.00 40.43 ? 634  SER A OG  1 
ATOM   14  N N   . SER A 1 26 ? -5.491  -1.552  10.233  1.00 20.54 ? 635  SER A N   1 
ATOM   15  C CA  A SER A 1 26 ? -5.487  -0.378  9.369   0.50 17.11 ? 635  SER A CA  1 
ATOM   16  C CA  B SER A 1 26 ? -5.538  -0.380  9.387   0.50 16.89 ? 635  SER A CA  1 
ATOM   17  C C   . SER A 1 26 ? -5.902  -0.822  7.976   1.00 13.63 ? 635  SER A C   1 
ATOM   18  O O   . SER A 1 26 ? -5.405  -1.837  7.477   1.00 15.71 ? 635  SER A O   1 
ATOM   19  C CB  A SER A 1 26 ? -4.093  0.248   9.287   0.50 18.63 ? 635  SER A CB  1 
ATOM   20  C CB  B SER A 1 26 ? -4.212  0.381   9.408   0.50 18.20 ? 635  SER A CB  1 
ATOM   21  O OG  A SER A 1 26 ? -3.810  1.070   10.402  0.50 24.22 ? 635  SER A OG  1 
ATOM   22  O OG  B SER A 1 26 ? -3.169  -0.340  8.792   0.50 22.20 ? 635  SER A OG  1 
ATOM   23  N N   . VAL A 1 27 ? -6.802  -0.071  7.352   1.00 10.66 ? 636  VAL A N   1 
ATOM   24  C CA  . VAL A 1 27 ? -7.213  -0.320  5.993   1.00 9.43  ? 636  VAL A CA  1 
ATOM   25  C C   . VAL A 1 27 ? -6.661  0.821   5.154   1.00 10.03 ? 636  VAL A C   1 
ATOM   26  O O   . VAL A 1 27 ? -7.020  1.975   5.371   1.00 10.79 ? 636  VAL A O   1 
ATOM   27  C CB  . VAL A 1 27 ? -8.764  -0.363  5.854   1.00 11.00 ? 636  VAL A CB  1 
ATOM   28  C CG1 . VAL A 1 27 ? -9.155  -0.590  4.403   1.00 13.07 ? 636  VAL A CG1 1 
ATOM   29  C CG2 . VAL A 1 27 ? -9.367  -1.442  6.772   1.00 13.11 ? 636  VAL A CG2 1 
ATOM   30  N N   . LEU A 1 28 ? -5.763  0.502   4.227   1.00 9.00  ? 637  LEU A N   1 
ATOM   31  C CA  A LEU A 1 28 ? -5.197  1.518   3.365   0.50 8.56  ? 637  LEU A CA  1 
ATOM   32  C CA  B LEU A 1 28 ? -5.155  1.483   3.333   0.50 8.86  ? 637  LEU A CA  1 
ATOM   33  C C   . LEU A 1 28 ? -5.968  1.551   2.053   1.00 8.10  ? 637  LEU A C   1 
ATOM   34  O O   . LEU A 1 28 ? -6.251  0.514   1.461   1.00 9.94  ? 637  LEU A O   1 
ATOM   35  C CB  A LEU A 1 28 ? -3.715  1.263   3.120   0.50 8.82  ? 637  LEU A CB  1 
ATOM   36  C CB  B LEU A 1 28 ? -3.718  1.077   2.978   0.50 9.27  ? 637  LEU A CB  1 
ATOM   37  C CG  A LEU A 1 28 ? -2.894  1.061   4.397   0.50 8.50  ? 637  LEU A CG  1 
ATOM   38  C CG  B LEU A 1 28 ? -2.962  1.934   1.954   0.50 11.37 ? 637  LEU A CG  1 
ATOM   39  C CD1 A LEU A 1 28 ? -1.411  1.004   4.008   0.50 9.89  ? 637  LEU A CD1 1 
ATOM   40  C CD1 B LEU A 1 28 ? -2.810  3.369   2.456   0.50 12.42 ? 637  LEU A CD1 1 
ATOM   41  C CD2 A LEU A 1 28 ? -3.150  2.132   5.469   0.50 10.34 ? 637  LEU A CD2 1 
ATOM   42  C CD2 B LEU A 1 28 ? -1.598  1.330   1.637   0.50 13.35 ? 637  LEU A CD2 1 
ATOM   43  N N   . ARG A 1 29 ? -6.296  2.765   1.628   1.00 8.13  ? 638  ARG A N   1 
ATOM   44  C CA  . ARG A 1 29 ? -7.076  3.019   0.432   1.00 8.12  ? 638  ARG A CA  1 
ATOM   45  C C   . ARG A 1 29 ? -6.309  3.909   -0.544  1.00 7.81  ? 638  ARG A C   1 
ATOM   46  O O   . ARG A 1 29 ? -5.428  4.673   -0.158  1.00 9.54  ? 638  ARG A O   1 
ATOM   47  C CB  . ARG A 1 29 ? -8.394  3.693   0.810   1.00 8.91  ? 638  ARG A CB  1 
ATOM   48  C CG  . ARG A 1 29 ? -9.284  2.839   1.695   1.00 9.11  ? 638  ARG A CG  1 
ATOM   49  C CD  . ARG A 1 29 ? -10.507 3.586   2.172   1.00 9.96  ? 638  ARG A CD  1 
ATOM   50  N NE  . ARG A 1 29 ? -11.285 2.719   3.039   1.00 10.35 ? 638  ARG A NE  1 
ATOM   51  C CZ  . ARG A 1 29 ? -12.101 1.757   2.620   1.00 12.16 ? 638  ARG A CZ  1 
ATOM   52  N NH1 . ARG A 1 29 ? -12.291 1.552   1.318   1.00 14.58 ? 638  ARG A NH1 1 
ATOM   53  N NH2 . ARG A 1 29 ? -12.731 0.992   3.523   1.00 14.22 ? 638  ARG A NH2 1 
ATOM   54  N N   . SER A 1 30 ? -6.653  3.825   -1.820  1.00 7.63  ? 639  SER A N   1 
ATOM   55  C CA  . SER A 1 30 ? -6.038  4.705   -2.789  1.00 8.27  ? 639  SER A CA  1 
ATOM   56  C C   . SER A 1 30 ? -6.477  6.142   -2.556  1.00 8.92  ? 639  SER A C   1 
ATOM   57  O O   . SER A 1 30 ? -7.653  6.404   -2.353  1.00 9.44  ? 639  SER A O   1 
ATOM   58  C CB  . SER A 1 30 ? -6.438  4.354   -4.205  1.00 9.13  ? 639  SER A CB  1 
ATOM   59  O OG  . SER A 1 30 ? -5.744  5.217   -5.081  1.00 10.62 ? 639  SER A OG  1 
ATOM   60  N N   . PRO A 1 31 ? -5.535  7.081   -2.628  1.00 10.35 ? 640  PRO A N   1 
ATOM   61  C CA  . PRO A 1 31 ? -5.917  8.480   -2.507  1.00 11.40 ? 640  PRO A CA  1 
ATOM   62  C C   . PRO A 1 31 ? -6.395  9.121   -3.819  1.00 11.50 ? 640  PRO A C   1 
ATOM   63  O O   . PRO A 1 31 ? -6.801  10.276  -3.828  1.00 11.10 ? 640  PRO A O   1 
ATOM   64  C CB  . PRO A 1 31 ? -4.629  9.128   -2.047  1.00 13.42 ? 640  PRO A CB  1 
ATOM   65  C CG  . PRO A 1 31 ? -3.589  8.334   -2.691  1.00 13.36 ? 640  PRO A CG  1 
ATOM   66  C CD  . PRO A 1 31 ? -4.081  6.921   -2.748  1.00 11.18 ? 640  PRO A CD  1 
ATOM   67  N N   . MET A 1 32 ? -6.367  8.377   -4.918  1.00 11.11 ? 641  MET A N   1 
ATOM   68  C CA  . MET A 1 32 ? -6.686  8.955   -6.216  1.00 12.05 ? 641  MET A CA  1 
ATOM   69  C C   . MET A 1 32 ? -7.096  7.881   -7.211  1.00 11.38 ? 641  MET A C   1 
ATOM   70  O O   . MET A 1 32 ? -6.737  6.716   -7.051  1.00 11.86 ? 641  MET A O   1 
ATOM   71  C CB  . MET A 1 32 ? -5.482  9.726   -6.771  1.00 13.82 ? 641  MET A CB  1 
ATOM   72  C CG  . MET A 1 32 ? -4.268  8.881   -7.022  1.00 16.68 ? 641  MET A CG  1 
ATOM   73  S SD  . MET A 1 32 ? -2.919  9.841   -7.741  1.00 23.03 ? 641  MET A SD  1 
ATOM   74  C CE  . MET A 1 32 ? -1.969  8.555   -8.513  1.00 26.60 ? 641  MET A CE  1 
ATOM   75  N N   . PRO A 1 33 ? -7.839  8.274   -8.251  1.00 11.68 ? 642  PRO A N   1 
ATOM   76  C CA  . PRO A 1 33 ? -7.955  7.358   -9.372  1.00 12.18 ? 642  PRO A CA  1 
ATOM   77  C C   . PRO A 1 33 ? -6.604  7.173   -10.067 1.00 11.20 ? 642  PRO A C   1 
ATOM   78  O O   . PRO A 1 33 ? -5.836  8.126   -10.239 1.00 13.12 ? 642  PRO A O   1 
ATOM   79  C CB  . PRO A 1 33 ? -8.960  8.041   -10.293 1.00 13.48 ? 642  PRO A CB  1 
ATOM   80  C CG  . PRO A 1 33 ? -8.944  9.471   -9.910  1.00 17.22 ? 642  PRO A CG  1 
ATOM   81  C CD  . PRO A 1 33 ? -8.449  9.589   -8.524  1.00 12.32 ? 642  PRO A CD  1 
ATOM   82  N N   . GLY A 1 34 ? -6.316  5.945   -10.464 1.00 10.11 ? 643  GLY A N   1 
ATOM   83  C CA  . GLY A 1 34 ? -5.075  5.672   -11.130 1.00 10.54 ? 643  GLY A CA  1 
ATOM   84  C C   . GLY A 1 34 ? -4.905  4.214   -11.463 1.00 9.94  ? 643  GLY A C   1 
ATOM   85  O O   . GLY A 1 34 ? -5.868  3.435   -11.465 1.00 11.19 ? 643  GLY A O   1 
ATOM   86  N N   . VAL A 1 35 ? -3.665  3.863   -11.765 1.00 11.21 ? 644  VAL A N   1 
ATOM   87  C CA  . VAL A 1 35 ? -3.284  2.501   -12.064 1.00 11.04 ? 644  VAL A CA  1 
ATOM   88  C C   . VAL A 1 35 ? -2.142  2.121   -11.139 1.00 11.05 ? 644  VAL A C   1 
ATOM   89  O O   . VAL A 1 35 ? -1.204  2.886   -10.966 1.00 11.62 ? 644  VAL A O   1 
ATOM   90  C CB  . VAL A 1 35 ? -2.837  2.352   -13.525 1.00 12.40 ? 644  VAL A CB  1 
ATOM   91  C CG1 . VAL A 1 35 ? -2.354  0.930   -13.789 1.00 15.28 ? 644  VAL A CG1 1 
ATOM   92  C CG2 . VAL A 1 35 ? -3.984  2.727   -14.449 1.00 17.48 ? 644  VAL A CG2 1 
ATOM   93  N N   . VAL A 1 36 ? -2.237  0.936   -10.552 1.00 10.09 ? 645  VAL A N   1 
ATOM   94  C CA  . VAL A 1 36 ? -1.212  0.435   -9.672  1.00 10.02 ? 645  VAL A CA  1 
ATOM   95  C C   . VAL A 1 36 ? -0.016  0.026   -10.529 1.00 11.38 ? 645  VAL A C   1 
ATOM   96  O O   . VAL A 1 36 ? -0.134  -0.809  -11.441 1.00 13.33 ? 645  VAL A O   1 
ATOM   97  C CB  . VAL A 1 36 ? -1.734  -0.756  -8.855  1.00 10.26 ? 645  VAL A CB  1 
ATOM   98  C CG1 . VAL A 1 36 ? -0.616  -1.368  -7.992  1.00 12.20 ? 645  VAL A CG1 1 
ATOM   99  C CG2 . VAL A 1 36 ? -2.945  -0.325  -7.999  1.00 11.92 ? 645  VAL A CG2 1 
ATOM   100 N N   . VAL A 1 37 ? 1.145   0.603   -10.263 1.00 10.78 ? 646  VAL A N   1 
ATOM   101 C CA  . VAL A 1 37 ? 2.308   0.242   -11.068 1.00 12.90 ? 646  VAL A CA  1 
ATOM   102 C C   . VAL A 1 37 ? 3.289   -0.686  -10.352 1.00 12.22 ? 646  VAL A C   1 
ATOM   103 O O   . VAL A 1 37 ? 4.048   -1.405  -11.004 1.00 16.46 ? 646  VAL A O   1 
ATOM   104 C CB  . VAL A 1 37 ? 2.974   1.470   -11.698 1.00 16.28 ? 646  VAL A CB  1 
ATOM   105 C CG1 . VAL A 1 37 ? 2.000   2.147   -12.693 1.00 19.85 ? 646  VAL A CG1 1 
ATOM   106 C CG2 . VAL A 1 37 ? 3.408   2.420   -10.667 1.00 17.47 ? 646  VAL A CG2 1 
ATOM   107 N N   . ALA A 1 38 ? 3.249   -0.702  -9.020  1.00 11.34 ? 647  ALA A N   1 
ATOM   108 C CA  . ALA A 1 38 ? 4.098   -1.569  -8.223  1.00 11.14 ? 647  ALA A CA  1 
ATOM   109 C C   . ALA A 1 38 ? 3.432   -1.854  -6.894  1.00 10.24 ? 647  ALA A C   1 
ATOM   110 O O   . ALA A 1 38 ? 2.746   -0.994  -6.343  1.00 11.39 ? 647  ALA A O   1 
ATOM   111 C CB  . ALA A 1 38 ? 5.466   -0.908  -8.009  1.00 14.12 ? 647  ALA A CB  1 
ATOM   112 N N   . VAL A 1 39 ? 3.618   -3.076  -6.407  1.00 11.02 ? 648  VAL A N   1 
ATOM   113 C CA  . VAL A 1 39 ? 3.178   -3.507  -5.096  1.00 10.78 ? 648  VAL A CA  1 
ATOM   114 C C   . VAL A 1 39 ? 4.358   -4.186  -4.426  1.00 11.40 ? 648  VAL A C   1 
ATOM   115 O O   . VAL A 1 39 ? 4.972   -5.079  -5.010  1.00 14.57 ? 648  VAL A O   1 
ATOM   116 C CB  . VAL A 1 39 ? 1.983   -4.459  -5.152  1.00 11.19 ? 648  VAL A CB  1 
ATOM   117 C CG1 . VAL A 1 39 ? 1.603   -4.897  -3.744  1.00 14.22 ? 648  VAL A CG1 1 
ATOM   118 C CG2 . VAL A 1 39 ? 0.787   -3.771  -5.840  1.00 13.28 ? 648  VAL A CG2 1 
ATOM   119 N N   . SER A 1 40 ? 4.675   -3.735  -3.214  1.00 10.48 ? 649  SER A N   1 
ATOM   120 C CA  . SER A 1 40 ? 5.917   -4.090  -2.539  1.00 10.67 ? 649  SER A CA  1 
ATOM   121 C C   . SER A 1 40 ? 5.760   -5.031  -1.370  1.00 10.80 ? 649  SER A C   1 
ATOM   122 O O   . SER A 1 40 ? 6.743   -5.368  -0.733  1.00 14.27 ? 649  SER A O   1 
ATOM   123 C CB  . SER A 1 40 ? 6.609   -2.797  -2.059  1.00 13.20 ? 649  SER A CB  1 
ATOM   124 O OG  . SER A 1 40 ? 6.952   -2.011  -3.181  1.00 22.07 ? 649  SER A OG  1 
ATOM   125 N N   . VAL A 1 41 ? 4.529   -5.411  -1.053  1.00 10.67 ? 650  VAL A N   1 
ATOM   126 C CA  . VAL A 1 41 ? 4.238   -6.299  0.057   1.00 10.12 ? 650  VAL A CA  1 
ATOM   127 C C   . VAL A 1 41 ? 3.223   -7.367  -0.361  1.00 10.59 ? 650  VAL A C   1 
ATOM   128 O O   . VAL A 1 41 ? 2.472   -7.187  -1.321  1.00 11.86 ? 650  VAL A O   1 
ATOM   129 C CB  . VAL A 1 41 ? 3.679   -5.515  1.282   1.00 10.00 ? 650  VAL A CB  1 
ATOM   130 C CG1 . VAL A 1 41 ? 4.687   -4.507  1.803   1.00 12.44 ? 650  VAL A CG1 1 
ATOM   131 C CG2 . VAL A 1 41 ? 2.354   -4.815  0.947   1.00 11.91 ? 650  VAL A CG2 1 
ATOM   132 N N   . LYS A 1 42 ? 3.211   -8.471  0.378   1.00 11.35 ? 651  LYS A N   1 
ATOM   133 C CA  . LYS A 1 42 ? 2.217   -9.513  0.222   1.00 11.79 ? 651  LYS A CA  1 
ATOM   134 C C   . LYS A 1 42 ? 1.733   -9.958  1.589   1.00 11.52 ? 651  LYS A C   1 
ATOM   135 O O   . LYS A 1 42 ? 2.380   -9.675  2.590   1.00 10.95 ? 651  LYS A O   1 
ATOM   136 C CB  . LYS A 1 42 ? 2.779   -10.699 -0.563  1.00 14.03 ? 651  LYS A CB  1 
ATOM   137 C CG  . LYS A 1 42 ? 3.866   -11.466 0.124   1.00 16.29 ? 651  LYS A CG  1 
ATOM   138 C CD  . LYS A 1 42 ? 4.350   -12.580 -0.808  1.00 18.37 ? 651  LYS A CD  1 
ATOM   139 C CE  . LYS A 1 42 ? 5.309   -13.509 -0.099  1.00 22.62 ? 651  LYS A CE  1 
ATOM   140 N NZ  . LYS A 1 42 ? 5.733   -14.637 -0.990  1.00 29.92 ? 651  LYS A NZ  1 
ATOM   141 N N   . PRO A 1 43 ? 0.578   -10.648 1.649   1.00 11.76 ? 652  PRO A N   1 
ATOM   142 C CA  . PRO A 1 43 ? 0.097   -11.078 2.945   1.00 11.40 ? 652  PRO A CA  1 
ATOM   143 C C   . PRO A 1 43 ? 1.154   -11.899 3.694   1.00 11.48 ? 652  PRO A C   1 
ATOM   144 O O   . PRO A 1 43 ? 1.803   -12.766 3.105   1.00 13.50 ? 652  PRO A O   1 
ATOM   145 C CB  . PRO A 1 43 ? -1.128  -11.918 2.583   1.00 13.84 ? 652  PRO A CB  1 
ATOM   146 C CG  . PRO A 1 43 ? -1.619  -11.282 1.306   1.00 14.85 ? 652  PRO A CG  1 
ATOM   147 C CD  . PRO A 1 43 ? -0.372  -10.978 0.570   1.00 13.34 ? 652  PRO A CD  1 
ATOM   148 N N   . GLY A 1 44 ? 1.303   -11.607 4.977   1.00 11.53 ? 653  GLY A N   1 
ATOM   149 C CA  . GLY A 1 44 ? 2.272   -12.260 5.835   1.00 11.85 ? 653  GLY A CA  1 
ATOM   150 C C   . GLY A 1 44 ? 3.537   -11.447 6.037   1.00 11.82 ? 653  GLY A C   1 
ATOM   151 O O   . GLY A 1 44 ? 4.263   -11.668 6.995   1.00 12.84 ? 653  GLY A O   1 
ATOM   152 N N   . ASP A 1 45 ? 3.813   -10.508 5.137   1.00 9.27  ? 654  ASP A N   1 
ATOM   153 C CA  . ASP A 1 45 ? 4.966   -9.638  5.317   1.00 9.63  ? 654  ASP A CA  1 
ATOM   154 C C   . ASP A 1 45 ? 4.730   -8.694  6.499   1.00 10.44 ? 654  ASP A C   1 
ATOM   155 O O   . ASP A 1 45 ? 3.607   -8.182  6.709   1.00 11.87 ? 654  ASP A O   1 
ATOM   156 C CB  . ASP A 1 45 ? 5.198   -8.747  4.096   1.00 9.89  ? 654  ASP A CB  1 
ATOM   157 C CG  . ASP A 1 45 ? 5.714   -9.484  2.878   1.00 10.91 ? 654  ASP A CG  1 
ATOM   158 O OD1 . ASP A 1 45 ? 6.068   -10.692 2.968   1.00 12.93 ? 654  ASP A OD1 1 
ATOM   159 O OD2 . ASP A 1 45 ? 5.786   -8.800  1.820   1.00 12.74 ? 654  ASP A OD2 1 
ATOM   160 N N   . ALA A 1 46 ? 5.798   -8.406  7.231   1.00 9.35  ? 655  ALA A N   1 
ATOM   161 C CA  . ALA A 1 46 ? 5.764   -7.309  8.194   1.00 10.27 ? 655  ALA A CA  1 
ATOM   162 C C   . ALA A 1 46 ? 5.905   -5.980  7.454   1.00 10.36 ? 655  ALA A C   1 
ATOM   163 O O   . ALA A 1 46 ? 6.400   -5.930  6.349   1.00 10.93 ? 655  ALA A O   1 
ATOM   164 C CB  . ALA A 1 46 ? 6.870   -7.439  9.216   1.00 11.55 ? 655  ALA A CB  1 
ATOM   165 N N   . VAL A 1 47 ? 5.449   -4.914  8.096   1.00 9.24  ? 656  VAL A N   1 
ATOM   166 C CA  . VAL A 1 47 ? 5.718   -3.558  7.644   1.00 8.83  ? 656  VAL A CA  1 
ATOM   167 C C   . VAL A 1 47 ? 6.132   -2.702  8.827   1.00 8.98  ? 656  VAL A C   1 
ATOM   168 O O   . VAL A 1 47 ? 5.678   -2.904  9.951   1.00 10.32 ? 656  VAL A O   1 
ATOM   169 C CB  . VAL A 1 47 ? 4.527   -2.897  6.892   1.00 9.15  ? 656  VAL A CB  1 
ATOM   170 C CG1 . VAL A 1 47 ? 4.376   -3.460  5.479   1.00 10.61 ? 656  VAL A CG1 1 
ATOM   171 C CG2 . VAL A 1 47 ? 3.212   -2.987  7.693   1.00 11.01 ? 656  VAL A CG2 1 
ATOM   172 N N   . ALA A 1 48 ? 7.021   -1.757  8.546   1.00 9.86  ? 657  ALA A N   1 
ATOM   173 C CA  . ALA A 1 48 ? 7.378   -0.700  9.473   1.00 10.50 ? 657  ALA A CA  1 
ATOM   174 C C   . ALA A 1 48 ? 6.537   0.530   9.146   1.00 9.23  ? 657  ALA A C   1 
ATOM   175 O O   . ALA A 1 48 ? 6.070   0.688   8.014   1.00 9.45  ? 657  ALA A O   1 
ATOM   176 C CB  . ALA A 1 48 ? 8.853   -0.362  9.343   1.00 11.37 ? 657  ALA A CB  1 
ATOM   177 N N   . GLU A 1 49 ? 6.381   1.417   10.121  1.00 9.65  ? 658  GLU A N   1 
ATOM   178 C CA  . GLU A 1 49 ? 5.776   2.718   9.823   1.00 9.28  ? 658  GLU A CA  1 
ATOM   179 C C   . GLU A 1 49 ? 6.623   3.386   8.757   1.00 9.13  ? 658  GLU A C   1 
ATOM   180 O O   . GLU A 1 49 ? 7.853   3.435   8.851   1.00 11.25 ? 658  GLU A O   1 
ATOM   181 C CB  . GLU A 1 49 ? 5.675   3.588   11.058  1.00 10.29 ? 658  GLU A CB  1 
ATOM   182 C CG  . GLU A 1 49 ? 4.825   4.853   10.843  1.00 11.76 ? 658  GLU A CG  1 
ATOM   183 C CD  . GLU A 1 49 ? 5.521   5.981   10.060  1.00 12.94 ? 658  GLU A CD  1 
ATOM   184 O OE1 . GLU A 1 49 ? 6.653   6.343   10.410  1.00 16.41 ? 658  GLU A OE1 1 
ATOM   185 O OE2 . GLU A 1 49 ? 4.938   6.497   9.079   1.00 14.38 ? 658  GLU A OE2 1 
ATOM   186 N N   . GLY A 1 50 ? 5.967   3.864   7.710   1.00 9.59  ? 659  GLY A N   1 
ATOM   187 C CA  . GLY A 1 50 ? 6.639   4.550   6.632   1.00 9.57  ? 659  GLY A CA  1 
ATOM   188 C C   . GLY A 1 50 ? 7.119   3.674   5.502   1.00 8.13  ? 659  GLY A C   1 
ATOM   189 O O   . GLY A 1 50 ? 7.631   4.170   4.504   1.00 10.28 ? 659  GLY A O   1 
ATOM   190 N N   . GLN A 1 51 ? 6.943   2.360   5.639   1.00 8.21  ? 660  GLN A N   1 
ATOM   191 C CA  . GLN A 1 51 ? 7.412   1.442   4.614   1.00 8.32  ? 660  GLN A CA  1 
ATOM   192 C C   . GLN A 1 51 ? 6.489   1.454   3.405   1.00 7.48  ? 660  GLN A C   1 
ATOM   193 O O   . GLN A 1 51 ? 5.269   1.423   3.540   1.00 8.31  ? 660  GLN A O   1 
ATOM   194 C CB  . GLN A 1 51 ? 7.529   0.030   5.180   1.00 8.22  ? 660  GLN A CB  1 
ATOM   195 C CG  . GLN A 1 51 ? 8.132   -0.964  4.216   1.00 8.84  ? 660  GLN A CG  1 
ATOM   196 C CD  . GLN A 1 51 ? 8.344   -2.320  4.840   1.00 9.08  ? 660  GLN A CD  1 
ATOM   197 O OE1 . GLN A 1 51 ? 8.483   -2.452  6.068   1.00 9.54  ? 660  GLN A OE1 1 
ATOM   198 N NE2 . GLN A 1 51 ? 8.376   -3.346  3.990   1.00 9.76  ? 660  GLN A NE2 1 
ATOM   199 N N   . GLU A 1 52 ? 7.096   1.465   2.227   1.00 8.57  ? 661  GLU A N   1 
ATOM   200 C CA  . GLU A 1 52 ? 6.363   1.492   0.973   1.00 8.36  ? 661  GLU A CA  1 
ATOM   201 C C   . GLU A 1 52 ? 5.489   0.240   0.803   1.00 9.12  ? 661  GLU A C   1 
ATOM   202 O O   . GLU A 1 52 ? 5.950   -0.899  0.973   1.00 10.30 ? 661  GLU A O   1 
ATOM   203 C CB  . GLU A 1 52 ? 7.338   1.603   -0.197  1.00 10.29 ? 661  GLU A CB  1 
ATOM   204 C CG  . GLU A 1 52 ? 6.696   1.621   -1.548  1.00 13.66 ? 661  GLU A CG  1 
ATOM   205 C CD  . GLU A 1 52 ? 7.673   1.961   -2.657  1.00 19.10 ? 661  GLU A CD  1 
ATOM   206 O OE1 . GLU A 1 52 ? 8.708   2.600   -2.400  1.00 24.44 ? 661  GLU A OE1 1 
ATOM   207 O OE2 . GLU A 1 52 ? 7.387   1.591   -3.796  1.00 27.07 ? 661  GLU A OE2 1 
ATOM   208 N N   . ILE A 1 53 ? 4.242   0.491   0.409   1.00 9.09  ? 662  ILE A N   1 
ATOM   209 C CA  A ILE A 1 53 ? 3.239   -0.538  0.122   0.50 8.74  ? 662  ILE A CA  1 
ATOM   210 C CA  B ILE A 1 53 ? 3.310   -0.579  0.110   0.50 9.55  ? 662  ILE A CA  1 
ATOM   211 C C   . ILE A 1 53 ? 3.056   -0.690  -1.384  1.00 8.72  ? 662  ILE A C   1 
ATOM   212 O O   . ILE A 1 53 ? 3.064   -1.798  -1.922  1.00 10.46 ? 662  ILE A O   1 
ATOM   213 C CB  A ILE A 1 53 ? 1.853   -0.153  0.724   0.50 8.81  ? 662  ILE A CB  1 
ATOM   214 C CB  B ILE A 1 53 ? 2.013   -0.406  0.912   0.50 10.57 ? 662  ILE A CB  1 
ATOM   215 C CG1 A ILE A 1 53 ? 1.925   0.001   2.252   0.50 7.43  ? 662  ILE A CG1 1 
ATOM   216 C CG1 B ILE A 1 53 ? 2.310   -0.751  2.374   0.50 14.30 ? 662  ILE A CG1 1 
ATOM   217 C CG2 A ILE A 1 53 ? 0.768   -1.158  0.326   0.50 9.92  ? 662  ILE A CG2 1 
ATOM   218 C CG2 B ILE A 1 53 ? 0.885   -1.277  0.348   0.50 11.90 ? 662  ILE A CG2 1 
ATOM   219 C CD1 A ILE A 1 53 ? 2.303   -1.278  3.024   0.50 8.81  ? 662  ILE A CD1 1 
ATOM   220 C CD1 B ILE A 1 53 ? 1.160   -0.563  3.298   0.50 18.63 ? 662  ILE A CD1 1 
ATOM   221 N N   . CYS A 1 54 ? 2.821   0.438   -2.051  1.00 8.87  ? 663  CYS A N   1 
ATOM   222 C CA  . CYS A 1 54 ? 2.590   0.421   -3.484  1.00 9.41  ? 663  CYS A CA  1 
ATOM   223 C C   . CYS A 1 54 ? 2.782   1.796   -4.107  1.00 8.66  ? 663  CYS A C   1 
ATOM   224 O O   . CYS A 1 54 ? 2.898   2.791   -3.402  1.00 10.30 ? 663  CYS A O   1 
ATOM   225 C CB  . CYS A 1 54 ? 1.194   -0.090  -3.812  1.00 10.39 ? 663  CYS A CB  1 
ATOM   226 S SG  . CYS A 1 54 ? -0.151  0.986   -3.318  1.00 12.93 ? 663  CYS A SG  1 
ATOM   227 N N   . VAL A 1 55 ? 2.815   1.818   -5.435  1.00 9.27  ? 664  VAL A N   1 
ATOM   228 C CA  . VAL A 1 55 ? 2.921   3.048   -6.216  1.00 10.64 ? 664  VAL A CA  1 
ATOM   229 C C   . VAL A 1 55 ? 1.770   3.051   -7.212  1.00 10.08 ? 664  VAL A C   1 
ATOM   230 O O   . VAL A 1 55 ? 1.507   2.046   -7.873  1.00 9.39  ? 664  VAL A O   1 
ATOM   231 C CB  . VAL A 1 55 ? 4.248   3.125   -6.954  1.00 11.77 ? 664  VAL A CB  1 
ATOM   232 C CG1 . VAL A 1 55 ? 4.331   4.417   -7.789  1.00 13.75 ? 664  VAL A CG1 1 
ATOM   233 C CG2 . VAL A 1 55 ? 5.406   2.981   -5.945  1.00 14.26 ? 664  VAL A CG2 1 
ATOM   234 N N   . ILE A 1 56 ? 1.088   4.181   -7.291  1.00 9.88  ? 665  ILE A N   1 
ATOM   235 C CA  . ILE A 1 56 ? -0.049  4.377   -8.161  1.00 9.80  ? 665  ILE A CA  1 
ATOM   236 C C   . ILE A 1 56 ? 0.257   5.563   -9.075  1.00 11.80 ? 665  ILE A C   1 
ATOM   237 O O   . ILE A 1 56 ? 0.703   6.608   -8.605  1.00 12.60 ? 665  ILE A O   1 
ATOM   238 C CB  . ILE A 1 56 ? -1.326  4.666   -7.340  1.00 10.49 ? 665  ILE A CB  1 
ATOM   239 C CG1 . ILE A 1 56 ? -1.685  3.462   -6.465  1.00 13.59 ? 665  ILE A CG1 1 
ATOM   240 C CG2 . ILE A 1 56 ? -2.506  5.075   -8.257  1.00 11.27 ? 665  ILE A CG2 1 
ATOM   241 C CD1 . ILE A 1 56 ? -2.504  3.808   -5.278  1.00 14.65 ? 665  ILE A CD1 1 
ATOM   242 N N   . GLU A 1 57 ? 0.016   5.392   -10.376 1.00 11.45 ? 666  GLU A N   1 
ATOM   243 C CA  . GLU A 1 57 ? 0.186   6.481   -11.342 1.00 14.31 ? 666  GLU A CA  1 
ATOM   244 C C   . GLU A 1 57 ? -1.168  7.024   -11.702 1.00 15.55 ? 666  GLU A C   1 
ATOM   245 O O   . GLU A 1 57 ? -2.121  6.263   -11.875 1.00 14.43 ? 666  GLU A O   1 
ATOM   246 C CB  . GLU A 1 57 ? 0.938   6.017   -12.581 1.00 17.93 ? 666  GLU A CB  1 
ATOM   247 C CG  . GLU A 1 57 ? 2.398   5.849   -12.314 1.00 25.72 ? 666  GLU A CG  1 
ATOM   248 C CD  . GLU A 1 57 ? 3.181   5.420   -13.541 1.00 32.32 ? 666  GLU A CD  1 
ATOM   249 O OE1 . GLU A 1 57 ? 2.573   5.289   -14.636 1.00 34.36 ? 666  GLU A OE1 1 
ATOM   250 O OE2 . GLU A 1 57 ? 4.404   5.202   -13.390 1.00 38.72 ? 666  GLU A OE2 1 
ATOM   251 N N   . ALA A 1 58 ? -1.241  8.354   -11.783 1.00 20.83 ? 667  ALA A N   1 
ATOM   252 C CA  . ALA A 1 58 ? -2.509  9.066   -11.919 1.00 27.49 ? 667  ALA A CA  1 
ATOM   253 C C   . ALA A 1 58 ? -3.185  8.717   -13.228 1.00 32.84 ? 667  ALA A C   1 
ATOM   254 O O   . ALA A 1 58 ? -2.504  8.371   -14.192 1.00 32.39 ? 667  ALA A O   1 
ATOM   255 C CB  . ALA A 1 58 ? -2.288  10.577  -11.813 1.00 29.29 ? 667  ALA A CB  1 
HETATM 256 O O1  . PG4 B 2 .  ? 8.037   4.299   -9.446  1.00 53.47 ? 1668 PG4 A O1  1 
HETATM 257 C C1  . PG4 B 2 .  ? 7.223   3.346   -10.177 1.00 48.46 ? 1668 PG4 A C1  1 
HETATM 258 C C2  . PG4 B 2 .  ? 7.128   2.003   -9.450  1.00 40.18 ? 1668 PG4 A C2  1 
HETATM 259 O O2  . PG4 B 2 .  ? 7.921   2.041   -8.247  1.00 51.09 ? 1668 PG4 A O2  1 
HETATM 260 C C3  . PG4 B 2 .  ? 8.652   0.814   -7.974  1.00 54.23 ? 1668 PG4 A C3  1 
HETATM 261 C C4  . PG4 B 2 .  ? 8.534   0.490   -6.481  1.00 49.51 ? 1668 PG4 A C4  1 
HETATM 262 O O3  . PG4 B 2 .  ? 9.623   1.011   -5.668  1.00 57.26 ? 1668 PG4 A O3  1 
HETATM 263 C C5  . PG4 B 2 .  ? 9.969   2.402   -5.938  1.00 69.03 ? 1668 PG4 A C5  1 
HETATM 264 C C6  . PG4 B 2 .  ? 8.920   3.353   -5.385  1.00 50.21 ? 1668 PG4 A C6  1 
HETATM 265 O O4  . PG4 B 2 .  ? 9.214   4.749   -5.574  1.00 58.85 ? 1668 PG4 A O4  1 
HETATM 266 C C7  . PG4 B 2 .  ? 8.459   5.279   -6.695  1.00 51.08 ? 1668 PG4 A C7  1 
HETATM 267 C C8  . PG4 B 2 .  ? 8.347   6.796   -6.633  1.00 60.76 ? 1668 PG4 A C8  1 
HETATM 268 O O5  . PG4 B 2 .  ? 7.290   7.263   -7.501  1.00 55.40 ? 1668 PG4 A O5  1 
HETATM 269 O O1  . PG4 C 2 .  ? 10.365  9.923   0.470   0.50 25.61 ? 1669 PG4 A O1  1 
HETATM 270 C C1  . PG4 C 2 .  ? 9.714   9.792   1.765   0.50 16.40 ? 1669 PG4 A C1  1 
HETATM 271 C C2  . PG4 C 2 .  ? 10.635  10.215  2.915   0.50 24.89 ? 1669 PG4 A C2  1 
HETATM 272 O O2  . PG4 C 2 .  ? 9.909   10.368  4.178   0.50 29.54 ? 1669 PG4 A O2  1 
HETATM 273 C C3  . PG4 C 2 .  ? 9.101   9.203   4.436   0.50 27.05 ? 1669 PG4 A C3  1 
HETATM 274 C C4  . PG4 C 2 .  ? 9.440   8.630   5.793   0.50 30.51 ? 1669 PG4 A C4  1 
HETATM 275 O O3  . PG4 C 2 .  ? 8.629   7.468   5.988   0.50 26.96 ? 1669 PG4 A O3  1 
HETATM 276 C C5  . PG4 C 2 .  ? 9.313   6.615   6.925   0.50 26.29 ? 1669 PG4 A C5  1 
HETATM 277 C C6  . PG4 C 2 .  ? 9.483   7.283   8.293   0.50 18.11 ? 1669 PG4 A C6  1 
HETATM 278 O O4  . PG4 C 2 .  ? 8.992   6.402   9.314   0.50 29.96 ? 1669 PG4 A O4  1 
HETATM 279 O O   . HOH D 3 .  ? -10.968 -1.460  13.704  1.00 41.23 ? 2001 HOH A O   1 
HETATM 280 O O   . HOH D 3 .  ? -2.574  6.561   3.581   0.25 11.38 ? 2002 HOH A O   1 
HETATM 281 O O   . HOH D 3 .  ? 0.681   1.063   -16.131 1.00 48.57 ? 2003 HOH A O   1 
HETATM 282 O O   . HOH D 3 .  ? 8.446   -1.963  -10.148 1.00 48.34 ? 2004 HOH A O   1 
HETATM 283 O O   . HOH D 3 .  ? 4.906   -5.701  -12.458 1.00 41.09 ? 2005 HOH A O   1 
HETATM 284 O O   . HOH D 3 .  ? 5.630   -8.388  -2.893  1.00 36.41 ? 2006 HOH A O   1 
HETATM 285 O O   . HOH D 3 .  ? 3.740   -8.674  -4.585  1.00 37.53 ? 2007 HOH A O   1 
HETATM 286 O O   . HOH D 3 .  ? 4.053   -8.075  -10.332 1.00 52.79 ? 2008 HOH A O   1 
HETATM 287 O O   . HOH D 3 .  ? -0.517  -10.610 -2.688  1.00 35.99 ? 2009 HOH A O   1 
HETATM 288 O O   . HOH D 3 .  ? 1.796   -16.096 4.902   1.00 51.03 ? 2010 HOH A O   1 
HETATM 289 O O   . HOH D 3 .  ? 0.614   -13.680 -1.912  1.00 44.12 ? 2011 HOH A O   1 
HETATM 290 O O   . HOH D 3 .  ? 3.954   -12.114 11.743  1.00 40.43 ? 2012 HOH A O   1 
HETATM 291 O O   . HOH D 3 .  ? 8.823   -11.615 -1.640  1.00 42.65 ? 2013 HOH A O   1 
HETATM 292 O O   . HOH D 3 .  ? 8.931   -1.085  13.089  1.00 35.27 ? 2014 HOH A O   1 
HETATM 293 O O   . HOH D 3 .  ? 5.203   4.911   14.428  1.00 30.31 ? 2015 HOH A O   1 
HETATM 294 O O   . HOH D 3 .  ? 7.073   2.732   14.649  1.00 27.88 ? 2016 HOH A O   1 
HETATM 295 O O   . HOH D 3 .  ? -4.498  -0.213  15.448  0.50 37.03 ? 2017 HOH A O   1 
HETATM 296 O O   . HOH D 3 .  ? -7.978  -7.124  14.154  1.00 63.48 ? 2018 HOH A O   1 
HETATM 297 O O   . HOH D 3 .  ? -8.701  -0.775  13.986  1.00 32.78 ? 2019 HOH A O   1 
HETATM 298 O O   . HOH D 3 .  ? -9.395  -0.034  10.432  1.00 20.71 ? 2020 HOH A O   1 
HETATM 299 O O   . HOH D 3 .  ? -3.790  2.498   11.404  0.50 29.58 ? 2021 HOH A O   1 
HETATM 300 O O   . HOH D 3 .  ? -4.094  6.761   0.993   1.00 14.72 ? 2022 HOH A O   1 
HETATM 301 O O   . HOH D 3 .  ? -15.113 0.792   0.701   1.00 42.80 ? 2023 HOH A O   1 
HETATM 302 O O   . HOH D 3 .  ? -6.368  5.021   3.469   1.00 11.72 ? 2024 HOH A O   1 
HETATM 303 O O   . HOH D 3 .  ? -8.364  7.529   0.120   1.00 12.64 ? 2025 HOH A O   1 
HETATM 304 O O   . HOH D 3 .  ? -5.613  10.699  -10.760 1.00 35.86 ? 2026 HOH A O   1 
HETATM 305 O O   . HOH D 3 .  ? -8.187  4.481   -13.204 1.00 36.92 ? 2027 HOH A O   1 
HETATM 306 O O   . HOH D 3 .  ? 1.110   -1.334  -14.439 1.00 39.41 ? 2028 HOH A O   1 
HETATM 307 O O   . HOH D 3 .  ? 5.580   -3.649  -10.751 1.00 29.06 ? 2029 HOH A O   1 
HETATM 308 O O   . HOH D 3 .  ? 3.678   -1.740  -13.747 1.00 32.89 ? 2030 HOH A O   1 
HETATM 309 O O   . HOH D 3 .  ? 7.129   -7.080  -4.587  1.00 49.14 ? 2031 HOH A O   1 
HETATM 310 O O   . HOH D 3 .  ? 5.457   -4.716  -8.056  1.00 17.53 ? 2032 HOH A O   1 
HETATM 311 O O   . HOH D 3 .  ? 4.466   -7.238  -7.661  1.00 43.63 ? 2033 HOH A O   1 
HETATM 312 O O   . HOH D 3 .  ? 7.791   -2.806  -5.596  1.00 39.39 ? 2034 HOH A O   1 
HETATM 313 O O   . HOH D 3 .  ? 5.843   -0.234  -4.390  1.00 22.38 ? 2035 HOH A O   1 
HETATM 314 O O   . HOH D 3 .  ? 8.546   -5.068  0.454   1.00 14.33 ? 2036 HOH A O   1 
HETATM 315 O O   . HOH D 3 .  ? 9.684   -5.648  -0.891  0.50 17.60 ? 2037 HOH A O   1 
HETATM 316 O O   . HOH D 3 .  ? 1.034   -8.613  -3.065  1.00 18.92 ? 2038 HOH A O   1 
HETATM 317 O O   . HOH D 3 .  ? 8.101   -15.949 0.229   1.00 27.54 ? 2039 HOH A O   1 
HETATM 318 O O   . HOH D 3 .  ? 1.270   -14.267 0.790   1.00 24.27 ? 2040 HOH A O   1 
HETATM 319 O O   . HOH D 3 .  ? 3.698   -14.713 3.253   1.00 32.32 ? 2041 HOH A O   1 
HETATM 320 O O   . HOH D 3 .  ? 6.340   -13.434 6.450   1.00 25.31 ? 2042 HOH A O   1 
HETATM 321 O O   . HOH D 3 .  ? 3.692   -13.293 9.153   1.00 21.05 ? 2043 HOH A O   1 
HETATM 322 O O   . HOH D 3 .  ? 7.639   -6.770  1.880   1.00 23.28 ? 2044 HOH A O   1 
HETATM 323 O O   . HOH D 3 .  ? 5.294   -13.007 3.559   1.00 27.90 ? 2045 HOH A O   1 
HETATM 324 O O   . HOH D 3 .  ? 6.916   -9.149  -0.585  1.00 27.95 ? 2046 HOH A O   1 
HETATM 325 O O   . HOH D 3 .  ? 7.919   -11.602 1.201   1.00 20.16 ? 2047 HOH A O   1 
HETATM 326 O O   . HOH D 3 .  ? 8.550   -6.165  4.838   0.50 10.65 ? 2048 HOH A O   1 
HETATM 327 O O   . HOH D 3 .  ? 7.239   -3.512  12.258  1.00 32.65 ? 2049 HOH A O   1 
HETATM 328 O O   . HOH D 3 .  ? 7.980   1.216   12.545  1.00 17.85 ? 2050 HOH A O   1 
HETATM 329 O O   . HOH D 3 .  ? 9.732   2.962   10.772  1.00 24.56 ? 2051 HOH A O   1 
HETATM 330 O O   . HOH D 3 .  ? 7.148   6.381   12.956  1.00 29.72 ? 2052 HOH A O   1 
HETATM 331 O O   . HOH D 3 .  ? 9.956   1.710   1.963   1.00 14.67 ? 2053 HOH A O   1 
HETATM 332 O O   . HOH D 3 .  ? 8.088   -2.636  1.162   1.00 13.94 ? 2054 HOH A O   1 
HETATM 333 O O   . HOH D 3 .  ? 0.196   4.132   -15.621 1.00 45.45 ? 2055 HOH A O   1 
HETATM 334 O O   . HOH D 3 .  ? 5.332   6.185   -11.170 1.00 49.22 ? 2056 HOH A O   1 
HETATM 335 O O   . HOH D 3 .  ? -2.062  6.028   -15.116 1.00 46.00 ? 2057 HOH A O   1 
HETATM 336 O O   . HOH D 3 .  ? 9.644   12.742  3.066   1.00 26.08 ? 2058 HOH A O   1 
# 
loop_
_atom_site_anisotrop.id 
_atom_site_anisotrop.type_symbol 
_atom_site_anisotrop.pdbx_label_atom_id 
_atom_site_anisotrop.pdbx_label_alt_id 
_atom_site_anisotrop.pdbx_label_comp_id 
_atom_site_anisotrop.pdbx_label_asym_id 
_atom_site_anisotrop.pdbx_label_seq_id 
_atom_site_anisotrop.pdbx_PDB_ins_code 
_atom_site_anisotrop.U[1][1] 
_atom_site_anisotrop.U[2][2] 
_atom_site_anisotrop.U[3][3] 
_atom_site_anisotrop.U[1][2] 
_atom_site_anisotrop.U[1][3] 
_atom_site_anisotrop.U[2][3] 
_atom_site_anisotrop.pdbx_auth_seq_id 
_atom_site_anisotrop.pdbx_auth_comp_id 
_atom_site_anisotrop.pdbx_auth_asym_id 
_atom_site_anisotrop.pdbx_auth_atom_id 
1   N N   . THR A 24 ? 0.5206 0.5074 0.5077 0.0136  0.0050  -0.0027 633  THR A N   
2   C CA  . THR A 24 ? 0.4842 0.4906 0.4579 0.0080  0.0150  0.0000  633  THR A CA  
3   C C   . THR A 24 ? 0.4333 0.4425 0.4186 0.0137  0.0021  0.0085  633  THR A C   
4   O O   . THR A 24 ? 0.4133 0.4082 0.3607 0.0097  0.0229  0.0123  633  THR A O   
5   C CB  . THR A 24 ? 0.5047 0.4999 0.4898 0.0028  0.0127  0.0096  633  THR A CB  
6   O OG1 . THR A 24 ? 0.5499 0.5691 0.5387 -0.0080 -0.0048 0.0085  633  THR A OG1 
7   C CG2 . THR A 24 ? 0.5608 0.5667 0.5216 0.0047  0.0032  -0.0043 633  THR A CG2 
8   N N   . SER A 25 ? 0.4163 0.4109 0.3752 0.0181  0.0212  0.0057  634  SER A N   
9   C CA  . SER A 25 ? 0.3968 0.3737 0.3614 0.0221  0.0151  0.0109  634  SER A CA  
10  C C   . SER A 25 ? 0.3603 0.3490 0.3076 0.0344  0.0266  0.0094  634  SER A C   
11  O O   . SER A 25 ? 0.4254 0.3952 0.3537 0.0616  0.0185  0.0021  634  SER A O   
12  C CB  . SER A 25 ? 0.4037 0.4164 0.3820 0.0003  0.0156  0.0013  634  SER A CB  
13  O OG  . SER A 25 ? 0.4826 0.5401 0.5133 0.0285  -0.0054 0.0102  634  SER A OG  
14  N N   . SER A 26 ? 0.3100 0.2454 0.2251 0.0556  0.0069  -0.0020 635  SER A N   
15  C CA  A SER A 26 ? 0.2522 0.2093 0.1885 0.0340  0.0037  -0.0179 635  SER A CA  
16  C CA  B SER A 26 ? 0.2491 0.2088 0.1839 0.0336  0.0047  -0.0171 635  SER A CA  
17  C C   . SER A 26 ? 0.2079 0.1541 0.1557 0.0475  -0.0031 -0.0169 635  SER A C   
18  O O   . SER A 26 ? 0.2214 0.1880 0.1875 0.0973  -0.0305 -0.0232 635  SER A O   
19  C CB  A SER A 26 ? 0.2548 0.2356 0.2174 0.0331  -0.0107 -0.0231 635  SER A CB  
20  C CB  B SER A 26 ? 0.2573 0.2252 0.2087 0.0283  -0.0172 -0.0282 635  SER A CB  
21  O OG  A SER A 26 ? 0.3445 0.2853 0.2902 0.0229  -0.0359 -0.0389 635  SER A OG  
22  O OG  B SER A 26 ? 0.2640 0.3074 0.2717 0.0147  0.0121  -0.0090 635  SER A OG  
23  N N   . VAL A 27 ? 0.1486 0.1354 0.1210 0.0324  0.0091  -0.0100 636  VAL A N   
24  C CA  . VAL A 27 ? 0.1221 0.1087 0.1273 0.0242  0.0080  -0.0195 636  VAL A CA  
25  C C   . VAL A 27 ? 0.1277 0.1168 0.1364 0.0137  0.0047  -0.0134 636  VAL A C   
26  O O   . VAL A 27 ? 0.1491 0.1114 0.1494 0.0285  0.0180  -0.0193 636  VAL A O   
27  C CB  . VAL A 27 ? 0.1386 0.1231 0.1563 0.0219  0.0079  -0.0029 636  VAL A CB  
28  C CG1 . VAL A 27 ? 0.1514 0.1711 0.1740 0.0030  -0.0283 -0.0132 636  VAL A CG1 
29  C CG2 . VAL A 27 ? 0.1731 0.1433 0.1815 -0.0027 0.0298  0.0014  636  VAL A CG2 
30  N N   . LEU A 28 ? 0.1196 0.1043 0.1180 0.0066  0.0030  -0.0089 637  LEU A N   
31  C CA  A LEU A 28 ? 0.1056 0.1114 0.1081 0.0068  -0.0093 -0.0099 637  LEU A CA  
32  C CA  B LEU A 28 ? 0.1105 0.1141 0.1117 0.0066  -0.0107 -0.0092 637  LEU A CA  
33  C C   . LEU A 28 ? 0.0991 0.1093 0.0993 0.0037  -0.0109 -0.0127 637  LEU A C   
34  O O   . LEU A 28 ? 0.1451 0.1070 0.1256 0.0089  -0.0184 -0.0246 637  LEU A O   
35  C CB  A LEU A 28 ? 0.1002 0.1199 0.1149 0.0088  0.0032  -0.0076 637  LEU A CB  
36  C CB  B LEU A 28 ? 0.1042 0.1278 0.1200 0.0072  -0.0036 -0.0127 637  LEU A CB  
37  C CG  A LEU A 28 ? 0.0943 0.1164 0.1122 0.0030  -0.0045 -0.0247 637  LEU A CG  
38  C CG  B LEU A 28 ? 0.1404 0.1311 0.1601 -0.0010 -0.0102 0.0042  637  LEU A CG  
39  C CD1 A LEU A 28 ? 0.0831 0.1234 0.1694 -0.0119 -0.0083 -0.0364 637  LEU A CD1 
40  C CD1 B LEU A 28 ? 0.1769 0.1453 0.1494 -0.0070 0.0076  -0.0116 637  LEU A CD1 
41  C CD2 A LEU A 28 ? 0.0887 0.1550 0.1492 0.0036  0.0130  -0.0297 637  LEU A CD2 
42  C CD2 B LEU A 28 ? 0.1672 0.1389 0.2008 0.0001  0.0186  -0.0085 637  LEU A CD2 
43  N N   . ARG A 29 ? 0.0982 0.1036 0.1070 0.0044  -0.0059 -0.0264 638  ARG A N   
44  C CA  . ARG A 29 ? 0.1134 0.0933 0.1018 0.0001  -0.0013 -0.0123 638  ARG A CA  
45  C C   . ARG A 29 ? 0.1029 0.1084 0.0853 -0.0046 -0.0011 -0.0105 638  ARG A C   
46  O O   . ARG A 29 ? 0.1119 0.1410 0.1095 -0.0219 -0.0085 -0.0281 638  ARG A O   
47  C CB  . ARG A 29 ? 0.1185 0.1303 0.0896 0.0071  0.0004  -0.0072 638  ARG A CB  
48  C CG  . ARG A 29 ? 0.1094 0.1163 0.1203 -0.0098 0.0036  -0.0259 638  ARG A CG  
49  C CD  . ARG A 29 ? 0.1093 0.1387 0.1304 0.0092  0.0060  -0.0006 638  ARG A CD  
50  N NE  . ARG A 29 ? 0.1172 0.1499 0.1261 -0.0192 0.0100  -0.0182 638  ARG A NE  
51  C CZ  . ARG A 29 ? 0.1240 0.1912 0.1468 -0.0399 0.0040  -0.0081 638  ARG A CZ  
52  N NH1 . ARG A 29 ? 0.1904 0.2093 0.1540 -0.0478 -0.0073 -0.0182 638  ARG A NH1 
53  N NH2 . ARG A 29 ? 0.1703 0.2247 0.1453 -0.0482 0.0134  -0.0097 638  ARG A NH2 
54  N N   . SER A 30 ? 0.1102 0.1044 0.0751 -0.0224 -0.0105 -0.0219 639  SER A N   
55  C CA  . SER A 30 ? 0.1180 0.1129 0.0832 -0.0049 0.0039  -0.0119 639  SER A CA  
56  C C   . SER A 30 ? 0.1313 0.1176 0.0895 -0.0047 0.0138  -0.0160 639  SER A C   
57  O O   . SER A 30 ? 0.1247 0.1349 0.0990 0.0070  0.0125  -0.0277 639  SER A O   
58  C CB  . SER A 30 ? 0.1224 0.1128 0.1115 -0.0045 -0.0089 -0.0330 639  SER A CB  
59  O OG  . SER A 30 ? 0.1546 0.1340 0.1146 -0.0198 0.0038  -0.0154 639  SER A OG  
60  N N   . PRO A 31 ? 0.1519 0.1258 0.1156 -0.0030 0.0061  -0.0215 640  PRO A N   
61  C CA  . PRO A 31 ? 0.1577 0.1351 0.1404 -0.0043 0.0026  -0.0101 640  PRO A CA  
62  C C   . PRO A 31 ? 0.1707 0.1370 0.1290 -0.0007 0.0100  -0.0088 640  PRO A C   
63  O O   . PRO A 31 ? 0.1602 0.1335 0.1279 -0.0068 0.0027  -0.0240 640  PRO A O   
64  C CB  . PRO A 31 ? 0.1761 0.1570 0.1766 -0.0220 -0.0200 -0.0146 640  PRO A CB  
65  C CG  . PRO A 31 ? 0.1515 0.1567 0.1995 -0.0482 0.0094  0.0111  640  PRO A CG  
66  C CD  . PRO A 31 ? 0.1577 0.1282 0.1388 -0.0147 0.0042  -0.0188 640  PRO A CD  
67  N N   . MET A 32 ? 0.1736 0.1297 0.1186 -0.0191 0.0047  -0.0243 641  MET A N   
68  C CA  . MET A 32 ? 0.1783 0.1342 0.1451 -0.0002 -0.0007 -0.0161 641  MET A CA  
69  C C   . MET A 32 ? 0.1672 0.1359 0.1292 0.0011  0.0034  -0.0172 641  MET A C   
70  O O   . MET A 32 ? 0.2070 0.1349 0.1084 0.0004  -0.0013 -0.0092 641  MET A O   
71  C CB  . MET A 32 ? 0.2160 0.1588 0.1503 -0.0173 -0.0114 0.0023  641  MET A CB  
72  C CG  . MET A 32 ? 0.2078 0.2224 0.2035 -0.0307 0.0224  -0.0238 641  MET A CG  
73  S SD  . MET A 32 ? 0.2786 0.3626 0.2338 -0.0668 0.0348  -0.0011 641  MET A SD  
74  C CE  . MET A 32 ? 0.3299 0.3383 0.3425 -0.0029 0.0022  -0.0135 641  MET A CE  
75  N N   . PRO A 33 ? 0.1849 0.1400 0.1187 0.0064  0.0110  -0.0047 642  PRO A N   
76  C CA  . PRO A 33 ? 0.1689 0.1502 0.1436 0.0015  0.0115  -0.0159 642  PRO A CA  
77  C C   . PRO A 33 ? 0.1642 0.1406 0.1206 -0.0103 0.0053  -0.0073 642  PRO A C   
78  O O   . PRO A 33 ? 0.1677 0.1727 0.1580 -0.0288 0.0140  -0.0336 642  PRO A O   
79  C CB  . PRO A 33 ? 0.1829 0.1755 0.1539 0.0015  0.0051  -0.0097 642  PRO A CB  
80  C CG  . PRO A 33 ? 0.2460 0.2060 0.2019 0.0171  -0.0193 -0.0081 642  PRO A CG  
81  C CD  . PRO A 33 ? 0.1963 0.1379 0.1338 0.0141  0.0056  -0.0005 642  PRO A CD  
82  N N   . GLY A 34 ? 0.1359 0.1295 0.1188 -0.0182 -0.0001 -0.0104 643  GLY A N   
83  C CA  . GLY A 34 ? 0.1452 0.1287 0.1263 -0.0025 -0.0023 -0.0091 643  GLY A CA  
84  C C   . GLY A 34 ? 0.1413 0.1239 0.1124 -0.0105 0.0052  -0.0128 643  GLY A C   
85  O O   . GLY A 34 ? 0.1285 0.1457 0.1509 -0.0176 0.0196  -0.0234 643  GLY A O   
86  N N   . VAL A 35 ? 0.1344 0.1440 0.1475 -0.0115 0.0025  0.0078  644  VAL A N   
87  C CA  . VAL A 35 ? 0.1375 0.1435 0.1382 0.0036  0.0017  -0.0047 644  VAL A CA  
88  C C   . VAL A 35 ? 0.1397 0.1401 0.1401 -0.0066 0.0017  -0.0065 644  VAL A C   
89  O O   . VAL A 35 ? 0.1300 0.1527 0.1585 -0.0190 -0.0098 -0.0091 644  VAL A O   
90  C CB  . VAL A 35 ? 0.1604 0.1701 0.1405 0.0194  0.0040  -0.0015 644  VAL A CB  
91  C CG1 . VAL A 35 ? 0.2188 0.1892 0.1723 0.0186  0.0194  -0.0306 644  VAL A CG1 
92  C CG2 . VAL A 35 ? 0.2311 0.2559 0.1770 0.0139  -0.0292 -0.0081 644  VAL A CG2 
93  N N   . VAL A 36 ? 0.1228 0.1194 0.1410 0.0011  -0.0076 -0.0123 645  VAL A N   
94  C CA  . VAL A 36 ? 0.1236 0.1258 0.1313 -0.0022 -0.0066 -0.0171 645  VAL A CA  
95  C C   . VAL A 36 ? 0.1424 0.1371 0.1529 -0.0067 0.0060  -0.0327 645  VAL A C   
96  O O   . VAL A 36 ? 0.1645 0.1806 0.1613 0.0043  -0.0083 -0.0470 645  VAL A O   
97  C CB  . VAL A 36 ? 0.1223 0.1304 0.1368 -0.0038 -0.0066 -0.0053 645  VAL A CB  
98  C CG1 . VAL A 36 ? 0.1420 0.1597 0.1616 0.0114  -0.0165 0.0184  645  VAL A CG1 
99  C CG2 . VAL A 36 ? 0.1083 0.1698 0.1746 -0.0052 0.0092  0.0024  645  VAL A CG2 
100 N N   . VAL A 37 ? 0.1293 0.1550 0.1251 0.0113  0.0075  -0.0374 646  VAL A N   
101 C CA  . VAL A 37 ? 0.1608 0.1777 0.1513 0.0084  0.0204  -0.0265 646  VAL A CA  
102 C C   . VAL A 37 ? 0.1584 0.1758 0.1301 0.0039  0.0152  -0.0186 646  VAL A C   
103 O O   . VAL A 37 ? 0.2029 0.2249 0.1972 0.0385  0.0365  -0.0254 646  VAL A O   
104 C CB  . VAL A 37 ? 0.1872 0.2260 0.2054 -0.0040 0.0279  -0.0058 646  VAL A CB  
105 C CG1 . VAL A 37 ? 0.2449 0.2537 0.2555 0.0133  0.0244  0.0322  646  VAL A CG1 
106 C CG2 . VAL A 37 ? 0.2065 0.2296 0.2275 -0.0272 0.0303  -0.0362 646  VAL A CG2 
107 N N   . ALA A 38 ? 0.1255 0.1658 0.1396 0.0035  0.0114  -0.0143 647  ALA A N   
108 C CA  . ALA A 38 ? 0.1269 0.1522 0.1442 -0.0027 0.0041  -0.0151 647  ALA A CA  
109 C C   . ALA A 38 ? 0.1182 0.1362 0.1346 0.0003  -0.0054 -0.0119 647  ALA A C   
110 O O   . ALA A 38 ? 0.1288 0.1327 0.1712 0.0028  -0.0024 -0.0196 647  ALA A O   
111 C CB  . ALA A 38 ? 0.1329 0.2037 0.1997 -0.0124 0.0054  -0.0029 647  ALA A CB  
112 N N   . VAL A 39 ? 0.1357 0.1313 0.1515 0.0112  -0.0049 -0.0364 648  VAL A N   
113 C CA  . VAL A 39 ? 0.1313 0.1256 0.1527 0.0209  -0.0088 -0.0213 648  VAL A CA  
114 C C   . VAL A 39 ? 0.1407 0.1358 0.1566 0.0200  -0.0156 -0.0232 648  VAL A C   
115 O O   . VAL A 39 ? 0.1888 0.1776 0.1871 0.0450  -0.0134 -0.0388 648  VAL A O   
116 C CB  . VAL A 39 ? 0.1471 0.1267 0.1511 0.0157  -0.0034 -0.0220 648  VAL A CB  
117 C CG1 . VAL A 39 ? 0.1898 0.1797 0.1704 -0.0129 0.0042  0.0179  648  VAL A CG1 
118 C CG2 . VAL A 39 ? 0.1503 0.1788 0.1754 0.0186  -0.0145 0.0024  648  VAL A CG2 
119 N N   . SER A 40 ? 0.1379 0.1278 0.1322 0.0146  0.0029  -0.0098 649  SER A N   
120 C CA  . SER A 40 ? 0.1358 0.1259 0.1436 0.0174  -0.0075 -0.0162 649  SER A CA  
121 C C   . SER A 40 ? 0.1182 0.1292 0.1628 0.0072  0.0007  -0.0173 649  SER A C   
122 O O   . SER A 40 ? 0.1279 0.2119 0.2021 0.0064  -0.0015 0.0282  649  SER A O   
123 C CB  . SER A 40 ? 0.1390 0.1774 0.1850 -0.0210 -0.0318 0.0095  649  SER A CB  
124 O OG  . SER A 40 ? 0.2722 0.2647 0.3015 -0.0180 0.0143  0.0317  649  SER A OG  
125 N N   . VAL A 41 ? 0.1216 0.1449 0.1386 0.0015  0.0013  -0.0082 650  VAL A N   
126 C CA  . VAL A 41 ? 0.1052 0.1311 0.1481 0.0041  0.0035  -0.0059 650  VAL A CA  
127 C C   . VAL A 41 ? 0.1349 0.1261 0.1414 0.0114  -0.0147 -0.0114 650  VAL A C   
128 O O   . VAL A 41 ? 0.1352 0.1528 0.1626 0.0114  -0.0270 0.0033  650  VAL A O   
129 C CB  . VAL A 41 ? 0.1182 0.1397 0.1219 -0.0044 0.0024  0.0020  650  VAL A CB  
130 C CG1 . VAL A 41 ? 0.1384 0.1548 0.1793 -0.0120 -0.0152 -0.0340 650  VAL A CG1 
131 C CG2 . VAL A 41 ? 0.1187 0.1538 0.1799 0.0175  0.0119  0.0009  650  VAL A CG2 
132 N N   . LYS A 42 ? 0.1351 0.1349 0.1612 0.0154  -0.0261 -0.0041 651  LYS A N   
133 C CA  . LYS A 42 ? 0.1394 0.1307 0.1778 0.0147  -0.0139 -0.0116 651  LYS A CA  
134 C C   . LYS A 42 ? 0.1412 0.1221 0.1742 0.0080  -0.0141 -0.0188 651  LYS A C   
135 O O   . LYS A 42 ? 0.1302 0.1095 0.1762 0.0116  -0.0184 -0.0121 651  LYS A O   
136 C CB  . LYS A 42 ? 0.1797 0.1615 0.1918 -0.0028 -0.0008 -0.0279 651  LYS A CB  
137 C CG  . LYS A 42 ? 0.2279 0.1791 0.2117 0.0076  -0.0038 -0.0112 651  LYS A CG  
138 C CD  . LYS A 42 ? 0.2603 0.2094 0.2283 0.0271  0.0182  -0.0151 651  LYS A CD  
139 C CE  . LYS A 42 ? 0.2826 0.2783 0.2984 0.0285  -0.0180 -0.0056 651  LYS A CE  
140 N NZ  . LYS A 42 ? 0.3957 0.3643 0.3768 0.0220  -0.0038 -0.0452 651  LYS A NZ  
141 N N   . PRO A 43 ? 0.1427 0.1219 0.1821 -0.0006 -0.0126 -0.0125 652  PRO A N   
142 C CA  . PRO A 43 ? 0.1273 0.1229 0.1828 -0.0010 -0.0180 -0.0157 652  PRO A CA  
143 C C   . PRO A 43 ? 0.1312 0.1216 0.1831 -0.0018 -0.0057 -0.0165 652  PRO A C   
144 O O   . PRO A 43 ? 0.1835 0.1149 0.2145 0.0094  0.0102  -0.0207 652  PRO A O   
145 C CB  . PRO A 43 ? 0.1590 0.1526 0.2139 -0.0140 -0.0028 -0.0153 652  PRO A CB  
146 C CG  . PRO A 43 ? 0.1813 0.1666 0.2161 -0.0326 -0.0076 -0.0119 652  PRO A CG  
147 C CD  . PRO A 43 ? 0.1804 0.1370 0.1896 -0.0055 -0.0154 -0.0137 652  PRO A CD  
148 N N   . GLY A 44 ? 0.1283 0.1219 0.1878 -0.0056 -0.0052 -0.0113 653  GLY A N   
149 C CA  . GLY A 44 ? 0.1597 0.1201 0.1703 -0.0042 -0.0043 -0.0043 653  GLY A CA  
150 C C   . GLY A 44 ? 0.1467 0.1283 0.1740 -0.0050 -0.0021 -0.0002 653  GLY A C   
151 O O   . GLY A 44 ? 0.1603 0.1465 0.1808 -0.0074 -0.0015 0.0214  653  GLY A O   
152 N N   . ASP A 45 ? 0.1003 0.1071 0.1445 0.0129  -0.0127 0.0034  654  ASP A N   
153 C CA  . ASP A 45 ? 0.1021 0.1033 0.1604 0.0113  -0.0052 -0.0067 654  ASP A CA  
154 C C   . ASP A 45 ? 0.1235 0.1165 0.1565 0.0113  -0.0044 -0.0052 654  ASP A C   
155 O O   . ASP A 45 ? 0.1109 0.1592 0.1806 0.0256  -0.0062 -0.0086 654  ASP A O   
156 C CB  . ASP A 45 ? 0.0955 0.1262 0.1539 0.0148  -0.0116 0.0077  654  ASP A CB  
157 C CG  . ASP A 45 ? 0.1152 0.1480 0.1514 -0.0084 -0.0074 0.0058  654  ASP A CG  
158 O OD1 . ASP A 45 ? 0.1368 0.1549 0.1996 0.0114  -0.0144 -0.0291 654  ASP A OD1 
159 O OD2 . ASP A 45 ? 0.1440 0.1538 0.1861 0.0267  -0.0248 0.0235  654  ASP A OD2 
160 N N   . ALA A 46 ? 0.1183 0.0880 0.1488 0.0187  -0.0090 -0.0048 655  ALA A N   
161 C CA  . ALA A 46 ? 0.1310 0.1066 0.1525 0.0102  -0.0042 -0.0114 655  ALA A CA  
162 C C   . ALA A 46 ? 0.1277 0.1225 0.1434 0.0156  -0.0055 0.0035  655  ALA A C   
163 O O   . ALA A 46 ? 0.1577 0.0937 0.1638 0.0119  0.0247  0.0018  655  ALA A O   
164 C CB  . ALA A 46 ? 0.1572 0.1278 0.1535 0.0218  -0.0307 -0.0090 655  ALA A CB  
165 N N   . VAL A 47 ? 0.1344 0.0912 0.1252 -0.0005 0.0094  0.0087  656  VAL A N   
166 C CA  . VAL A 47 ? 0.1114 0.0883 0.1356 0.0018  -0.0008 0.0069  656  VAL A CA  
167 C C   . VAL A 47 ? 0.1117 0.1003 0.1289 0.0176  -0.0033 0.0109  656  VAL A C   
168 O O   . VAL A 47 ? 0.1401 0.1158 0.1361 -0.0033 0.0042  -0.0104 656  VAL A O   
169 C CB  . VAL A 47 ? 0.1192 0.0857 0.1427 0.0149  -0.0057 0.0125  656  VAL A CB  
170 C CG1 . VAL A 47 ? 0.1105 0.1398 0.1526 0.0085  -0.0135 -0.0051 656  VAL A CG1 
171 C CG2 . VAL A 47 ? 0.1192 0.1414 0.1578 0.0070  -0.0076 0.0048  656  VAL A CG2 
172 N N   . ALA A 48 ? 0.1273 0.1031 0.1440 0.0034  -0.0046 0.0118  657  ALA A N   
173 C CA  . ALA A 48 ? 0.1327 0.1207 0.1455 0.0142  -0.0119 0.0114  657  ALA A CA  
174 C C   . ALA A 48 ? 0.1149 0.0983 0.1372 0.0072  -0.0042 -0.0034 657  ALA A C   
175 O O   . ALA A 48 ? 0.1218 0.0962 0.1409 0.0098  -0.0045 0.0067  657  ALA A O   
176 C CB  . ALA A 48 ? 0.1260 0.1329 0.1730 -0.0099 -0.0243 -0.0062 657  ALA A CB  
177 N N   . GLU A 49 ? 0.1401 0.0954 0.1311 0.0151  -0.0023 0.0030  658  GLU A N   
178 C CA  . GLU A 49 ? 0.1335 0.0900 0.1292 0.0090  -0.0142 0.0017  658  GLU A CA  
179 C C   . GLU A 49 ? 0.1223 0.1004 0.1241 0.0034  -0.0126 -0.0053 658  GLU A C   
180 O O   . GLU A 49 ? 0.1392 0.1218 0.1663 0.0062  -0.0057 0.0190  658  GLU A O   
181 C CB  . GLU A 49 ? 0.1343 0.1226 0.1338 0.0076  -0.0035 -0.0137 658  GLU A CB  
182 C CG  . GLU A 49 ? 0.1602 0.1358 0.1508 0.0184  -0.0064 -0.0078 658  GLU A CG  
183 C CD  . GLU A 49 ? 0.1631 0.1567 0.1719 0.0178  0.0055  -0.0153 658  GLU A CD  
184 O OE1 . GLU A 49 ? 0.2098 0.1631 0.2504 -0.0140 -0.0171 -0.0097 658  GLU A OE1 
185 O OE2 . GLU A 49 ? 0.2121 0.1229 0.2114 0.0017  0.0245  0.0162  658  GLU A OE2 
186 N N   . GLY A 50 ? 0.1107 0.1104 0.1429 0.0119  -0.0186 -0.0009 659  GLY A N   
187 C CA  . GLY A 50 ? 0.1273 0.1028 0.1335 0.0064  -0.0106 -0.0030 659  GLY A CA  
188 C C   . GLY A 50 ? 0.1083 0.0933 0.1072 0.0008  -0.0086 0.0132  659  GLY A C   
189 O O   . GLY A 50 ? 0.1418 0.1089 0.1396 0.0091  -0.0031 0.0294  659  GLY A O   
190 N N   . GLN A 51 ? 0.1063 0.0816 0.1240 -0.0096 -0.0085 0.0021  660  GLN A N   
191 C CA  . GLN A 51 ? 0.0865 0.0986 0.1307 0.0036  -0.0017 0.0080  660  GLN A CA  
192 C C   . GLN A 51 ? 0.0857 0.0977 0.1007 0.0045  0.0067  -0.0048 660  GLN A C   
193 O O   . GLN A 51 ? 0.0767 0.1162 0.1227 0.0128  -0.0004 0.0036  660  GLN A O   
194 C CB  . GLN A 51 ? 0.0942 0.0940 0.1237 0.0074  -0.0024 0.0140  660  GLN A CB  
195 C CG  . GLN A 51 ? 0.0870 0.1079 0.1409 -0.0026 -0.0026 0.0059  660  GLN A CG  
196 C CD  . GLN A 51 ? 0.1103 0.1081 0.1265 -0.0007 0.0075  0.0028  660  GLN A CD  
197 O OE1 . GLN A 51 ? 0.1057 0.1088 0.1478 0.0208  -0.0045 -0.0038 660  GLN A OE1 
198 N NE2 . GLN A 51 ? 0.1058 0.1001 0.1646 0.0233  -0.0106 -0.0309 660  GLN A NE2 
199 N N   . GLU A 52 ? 0.0915 0.1199 0.1142 0.0132  0.0081  0.0018  661  GLU A N   
200 C CA  . GLU A 52 ? 0.1020 0.1012 0.1143 -0.0021 0.0022  -0.0088 661  GLU A CA  
201 C C   . GLU A 52 ? 0.1134 0.1040 0.1292 -0.0029 -0.0074 -0.0116 661  GLU A C   
202 O O   . GLU A 52 ? 0.1256 0.1039 0.1618 0.0213  -0.0192 0.0010  661  GLU A O   
203 C CB  . GLU A 52 ? 0.1310 0.1295 0.1305 0.0110  0.0133  -0.0150 661  GLU A CB  
204 C CG  . GLU A 52 ? 0.1623 0.1789 0.1778 0.0017  0.0069  0.0016  661  GLU A CG  
205 C CD  . GLU A 52 ? 0.2159 0.2872 0.2225 0.0017  0.0348  -0.0089 661  GLU A CD  
206 O OE1 . GLU A 52 ? 0.2863 0.3535 0.2886 -0.0381 0.0438  0.0102  661  GLU A OE1 
207 O OE2 . GLU A 52 ? 0.2968 0.4393 0.2922 -0.0069 0.0025  -0.0256 661  GLU A OE2 
208 N N   . ILE A 53 ? 0.0987 0.1122 0.1341 0.0126  -0.0107 -0.0114 662  ILE A N   
209 C CA  A ILE A 53 ? 0.1102 0.0982 0.1238 0.0033  -0.0081 -0.0021 662  ILE A CA  
210 C CA  B ILE A 53 ? 0.1192 0.1098 0.1338 0.0014  -0.0074 -0.0026 662  ILE A CA  
211 C C   . ILE A 53 ? 0.0983 0.1019 0.1309 0.0056  0.0056  -0.0066 662  ILE A C   
212 O O   . ILE A 53 ? 0.1243 0.1118 0.1614 0.0075  0.0013  -0.0220 662  ILE A O   
213 C CB  A ILE A 53 ? 0.1112 0.1095 0.1139 -0.0080 -0.0019 -0.0025 662  ILE A CB  
214 C CB  B ILE A 53 ? 0.1271 0.1236 0.1509 -0.0068 0.0031  -0.0034 662  ILE A CB  
215 C CG1 A ILE A 53 ? 0.1041 0.0729 0.1052 -0.0030 0.0012  -0.0046 662  ILE A CG1 
216 C CG1 B ILE A 53 ? 0.1876 0.1758 0.1797 -0.0092 -0.0064 0.0016  662  ILE A CG1 
217 C CG2 A ILE A 53 ? 0.1046 0.1389 0.1332 -0.0136 -0.0149 0.0011  662  ILE A CG2 
218 C CG2 B ILE A 53 ? 0.1338 0.1681 0.1503 -0.0151 -0.0086 -0.0019 662  ILE A CG2 
219 C CD1 A ILE A 53 ? 0.1214 0.1143 0.0991 0.0073  -0.0300 0.0160  662  ILE A CD1 
220 C CD1 B ILE A 53 ? 0.2244 0.2554 0.2278 0.0007  0.0220  -0.0135 662  ILE A CD1 
221 N N   . CYS A 54 ? 0.1180 0.1068 0.1120 0.0055  -0.0076 -0.0011 663  CYS A N   
222 C CA  . CYS A 54 ? 0.1091 0.1282 0.1200 -0.0094 0.0068  0.0026  663  CYS A CA  
223 C C   . CYS A 54 ? 0.1021 0.1104 0.1164 0.0049  -0.0124 0.0029  663  CYS A C   
224 O O   . CYS A 54 ? 0.1445 0.1151 0.1316 0.0030  -0.0070 -0.0143 663  CYS A O   
225 C CB  . CYS A 54 ? 0.1030 0.1440 0.1476 -0.0064 -0.0036 0.0109  663  CYS A CB  
226 S SG  . CYS A 54 ? 0.1200 0.1820 0.1893 0.0043  0.0076  0.0112  663  CYS A SG  
227 N N   . VAL A 55 ? 0.1087 0.1188 0.1245 -0.0052 0.0018  -0.0163 664  VAL A N   
228 C CA  . VAL A 55 ? 0.1391 0.1383 0.1269 -0.0081 0.0017  -0.0082 664  VAL A CA  
229 C C   . VAL A 55 ? 0.1409 0.1213 0.1205 -0.0071 -0.0072 -0.0094 664  VAL A C   
230 O O   . VAL A 55 ? 0.1313 0.1192 0.1059 -0.0160 0.0078  -0.0207 664  VAL A O   
231 C CB  . VAL A 55 ? 0.1460 0.1489 0.1521 0.0030  -0.0001 -0.0073 664  VAL A CB  
232 C CG1 . VAL A 55 ? 0.1788 0.1825 0.1611 -0.0244 0.0055  0.0312  664  VAL A CG1 
233 C CG2 . VAL A 55 ? 0.1464 0.1944 0.2009 -0.0001 -0.0088 -0.0144 664  VAL A CG2 
234 N N   . ILE A 56 ? 0.1309 0.1250 0.1195 -0.0102 -0.0059 -0.0076 665  ILE A N   
235 C CA  . ILE A 56 ? 0.1281 0.1228 0.1213 -0.0068 -0.0154 -0.0020 665  ILE A CA  
236 C C   . ILE A 56 ? 0.1617 0.1514 0.1351 -0.0156 -0.0129 -0.0002 665  ILE A C   
237 O O   . ILE A 56 ? 0.1755 0.1491 0.1541 -0.0114 -0.0197 0.0040  665  ILE A O   
238 C CB  . ILE A 56 ? 0.1402 0.1325 0.1258 -0.0165 -0.0129 -0.0170 665  ILE A CB  
239 C CG1 . ILE A 56 ? 0.1692 0.2000 0.1469 0.0058  0.0038  0.0227  665  ILE A CG1 
240 C CG2 . ILE A 56 ? 0.1339 0.1526 0.1414 0.0008  -0.0236 0.0043  665  ILE A CG2 
241 C CD1 . ILE A 56 ? 0.1868 0.1799 0.1896 -0.0075 0.0275  -0.0195 665  ILE A CD1 
242 N N   . GLU A 57 ? 0.1703 0.1476 0.1171 -0.0085 -0.0183 0.0080  666  GLU A N   
243 C CA  . GLU A 57 ? 0.1947 0.1764 0.1724 -0.0107 -0.0047 0.0124  666  GLU A CA  
244 C C   . GLU A 57 ? 0.1894 0.1985 0.2028 -0.0138 -0.0012 0.0097  666  GLU A C   
245 O O   . GLU A 57 ? 0.1654 0.1942 0.1885 -0.0304 -0.0011 0.0339  666  GLU A O   
246 C CB  . GLU A 57 ? 0.2469 0.2178 0.2163 -0.0042 0.0120  0.0057  666  GLU A CB  
247 C CG  . GLU A 57 ? 0.3064 0.3405 0.3303 -0.0001 -0.0020 0.0148  666  GLU A CG  
248 C CD  . GLU A 57 ? 0.4248 0.4143 0.3890 0.0082  0.0322  -0.0048 666  GLU A CD  
249 O OE1 . GLU A 57 ? 0.4624 0.4394 0.4037 0.0046  0.0300  0.0128  666  GLU A OE1 
250 O OE2 . GLU A 57 ? 0.4567 0.5064 0.5081 -0.0130 0.0137  0.0315  666  GLU A OE2 
251 N N   . ALA A 58 ? 0.2649 0.2316 0.2947 -0.0212 0.0064  0.0281  667  ALA A N   
252 C CA  . ALA A 58 ? 0.3298 0.3310 0.3835 -0.0007 0.0025  0.0174  667  ALA A CA  
253 C C   . ALA A 58 ? 0.4323 0.4092 0.4061 0.0005  -0.0069 0.0144  667  ALA A C   
254 O O   . ALA A 58 ? 0.4002 0.4243 0.4060 -0.0034 -0.0021 0.0466  667  ALA A O   
255 C CB  . ALA A 58 ? 0.3737 0.3400 0.3989 0.0001  -0.0068 0.0229  667  ALA A CB  
256 O O1  . PG4 B .  ? 0.6906 0.6658 0.6750 0.0099  0.0188  0.0169  1668 PG4 A O1  
257 C C1  . PG4 B .  ? 0.5749 0.6168 0.6494 0.0015  -0.0140 -0.0255 1668 PG4 A C1  
258 C C2  . PG4 B .  ? 0.4979 0.5025 0.5262 -0.0084 -0.0006 -0.0318 1668 PG4 A C2  
259 O O2  . PG4 B .  ? 0.6533 0.6539 0.6338 -0.0031 -0.0010 0.0015  1668 PG4 A O2  
260 C C3  . PG4 B .  ? 0.7055 0.6741 0.6808 0.0140  -0.0093 0.0028  1668 PG4 A C3  
261 C C4  . PG4 B .  ? 0.5551 0.6628 0.6632 -0.0022 -0.0013 0.0025  1668 PG4 A C4  
262 O O3  . PG4 B .  ? 0.7453 0.7127 0.7176 -0.0125 0.0078  0.0073  1668 PG4 A O3  
263 C C5  . PG4 B .  ? 0.9377 0.8444 0.8408 0.0045  -0.0347 0.0057  1668 PG4 A C5  
264 C C6  . PG4 B .  ? 0.5858 0.6464 0.6755 -0.0146 -0.0282 -0.0258 1668 PG4 A C6  
265 O O4  . PG4 B .  ? 0.7219 0.7503 0.7635 -0.0081 0.0025  -0.0076 1668 PG4 A O4  
266 C C7  . PG4 B .  ? 0.5692 0.7124 0.6591 -0.0239 0.0012  0.0342  1668 PG4 A C7  
267 C C8  . PG4 B .  ? 0.7753 0.7338 0.7992 0.0004  0.0211  -0.0167 1668 PG4 A C8  
268 O O5  . PG4 B .  ? 0.6839 0.7346 0.6861 -0.0002 -0.0076 0.0194  1668 PG4 A O5  
269 O O1  . PG4 C .  ? 0.3215 0.3342 0.3171 -0.0065 0.0214  -0.0025 1669 PG4 A O1  
270 C C1  . PG4 C .  ? 0.1887 0.1954 0.2388 -0.0242 -0.0115 0.0071  1669 PG4 A C1  
271 C C2  . PG4 C .  ? 0.3103 0.3071 0.3280 -0.0047 -0.0212 -0.0072 1669 PG4 A C2  
272 O O2  . PG4 C .  ? 0.3756 0.3805 0.3660 0.0091  0.0185  -0.0032 1669 PG4 A O2  
273 C C3  . PG4 C .  ? 0.3389 0.3383 0.3504 0.0114  0.0044  -0.0101 1669 PG4 A C3  
274 C C4  . PG4 C .  ? 0.3992 0.3794 0.3807 -0.0036 0.0066  0.0105  1669 PG4 A C4  
275 O O3  . PG4 C .  ? 0.3441 0.3279 0.3524 0.0147  -0.0064 0.0149  1669 PG4 A O3  
276 C C5  . PG4 C .  ? 0.3425 0.3322 0.3241 -0.0132 -0.0190 -0.0051 1669 PG4 A C5  
277 C C6  . PG4 C .  ? 0.2333 0.2229 0.2315 -0.0217 0.0082  -0.0038 1669 PG4 A C6  
278 O O4  . PG4 C .  ? 0.3843 0.3778 0.3761 -0.0055 -0.0037 0.0131  1669 PG4 A O4  
279 O O   . HOH D .  ? 0.5297 0.5073 0.5294 0.0058  0.0102  -0.0076 2001 HOH A O   
280 O O   . HOH D .  ? 0.1411 0.1448 0.1463 -0.0031 -0.0022 -0.0016 2002 HOH A O   
281 O O   . HOH D .  ? 0.6027 0.6245 0.6182 -0.0008 0.0000  0.0012  2003 HOH A O   
282 O O   . HOH D .  ? 0.5802 0.6355 0.6207 -0.0027 0.0138  0.0024  2004 HOH A O   
283 O O   . HOH D .  ? 0.4936 0.5436 0.5238 0.0047  0.0098  -0.0165 2005 HOH A O   
284 O O   . HOH D .  ? 0.4271 0.4854 0.4706 0.0080  0.0041  -0.0082 2006 HOH A O   
285 O O   . HOH D .  ? 0.4451 0.4931 0.4876 0.0150  0.0061  -0.0174 2007 HOH A O   
286 O O   . HOH D .  ? 0.6635 0.6562 0.6860 0.0060  0.0014  -0.0161 2008 HOH A O   
287 O O   . HOH D .  ? 0.4838 0.4647 0.4189 -0.0106 -0.0024 -0.0073 2009 HOH A O   
288 O O   . HOH D .  ? 0.6728 0.6301 0.6358 -0.0119 0.0120  0.0073  2010 HOH A O   
289 O O   . HOH D .  ? 0.5698 0.5412 0.5653 0.0004  -0.0035 -0.0473 2011 HOH A O   
290 O O   . HOH D .  ? 0.5057 0.5377 0.4925 0.0150  -0.0029 0.0214  2012 HOH A O   
291 O O   . HOH D .  ? 0.5632 0.5308 0.5263 -0.0071 -0.0112 -0.0066 2013 HOH A O   
292 O O   . HOH D .  ? 0.4427 0.4569 0.4400 0.0255  -0.0009 -0.0016 2014 HOH A O   
293 O O   . HOH D .  ? 0.4380 0.4000 0.3137 0.0203  -0.0104 0.0144  2015 HOH A O   
294 O O   . HOH D .  ? 0.3942 0.3575 0.3075 0.0132  -0.0119 -0.0385 2016 HOH A O   
295 O O   . HOH D .  ? 0.4692 0.4696 0.4681 0.0131  -0.0002 -0.0012 2017 HOH A O   
296 O O   . HOH D .  ? 0.8044 0.8049 0.8026 0.0027  -0.0016 0.0022  2018 HOH A O   
297 O O   . HOH D .  ? 0.4516 0.3742 0.4198 0.0235  0.0204  0.0041  2019 HOH A O   
298 O O   . HOH D .  ? 0.3049 0.2343 0.2477 0.0019  0.0136  -0.0277 2020 HOH A O   
299 O O   . HOH D .  ? 0.3797 0.3697 0.3743 -0.0014 0.0140  -0.0018 2021 HOH A O   
300 O O   . HOH D .  ? 0.1815 0.1729 0.2046 0.0098  -0.0082 -0.0547 2022 HOH A O   
301 O O   . HOH D .  ? 0.5092 0.5532 0.5635 -0.0011 0.0052  -0.0033 2023 HOH A O   
302 O O   . HOH D .  ? 0.1748 0.1141 0.1564 0.0211  -0.0068 -0.0288 2024 HOH A O   
303 O O   . HOH D .  ? 0.1604 0.1954 0.1242 0.0087  0.0373  -0.0117 2025 HOH A O   
304 O O   . HOH D .  ? 0.4625 0.4275 0.4724 -0.0003 -0.0014 0.0359  2026 HOH A O   
305 O O   . HOH D .  ? 0.4548 0.4722 0.4756 0.0062  -0.0455 -0.0067 2027 HOH A O   
306 O O   . HOH D .  ? 0.4999 0.5063 0.4911 -0.0246 0.0164  0.0023  2028 HOH A O   
307 O O   . HOH D .  ? 0.3613 0.3926 0.3500 0.0493  0.0330  -0.0102 2029 HOH A O   
308 O O   . HOH D .  ? 0.4633 0.4110 0.3751 0.0272  0.0262  -0.0317 2030 HOH A O   
309 O O   . HOH D .  ? 0.6279 0.6184 0.6207 0.0292  -0.0002 -0.0076 2031 HOH A O   
310 O O   . HOH D .  ? 0.1957 0.2432 0.2268 0.0721  0.0265  -0.0339 2032 HOH A O   
311 O O   . HOH D .  ? 0.5692 0.5233 0.5650 -0.0006 -0.0318 -0.0002 2033 HOH A O   
312 O O   . HOH D .  ? 0.4825 0.5316 0.4824 0.0080  0.0149  0.0238  2034 HOH A O   
313 O O   . HOH D .  ? 0.2585 0.3019 0.2899 0.0105  -0.0123 -0.0157 2035 HOH A O   
314 O O   . HOH D .  ? 0.1557 0.1809 0.2077 0.0236  -0.0394 -0.0009 2036 HOH A O   
315 O O   . HOH D .  ? 0.1687 0.2889 0.2110 0.0137  -0.0113 0.0067  2037 HOH A O   
316 O O   . HOH D .  ? 0.2728 0.2040 0.2419 0.0632  -0.0711 -0.0370 2038 HOH A O   
317 O O   . HOH D .  ? 0.2926 0.3707 0.3828 -0.0086 0.0154  0.0557  2039 HOH A O   
318 O O   . HOH D .  ? 0.3300 0.2533 0.3389 0.0120  -0.0207 -0.0669 2040 HOH A O   
319 O O   . HOH D .  ? 0.3844 0.4071 0.4364 -0.0041 -0.0082 -0.0108 2041 HOH A O   
320 O O   . HOH D .  ? 0.2805 0.3375 0.3435 -0.0103 -0.0063 -0.0019 2042 HOH A O   
321 O O   . HOH D .  ? 0.2868 0.2288 0.2841 -0.0132 0.0087  0.0663  2043 HOH A O   
322 O O   . HOH D .  ? 0.2160 0.3507 0.3176 -0.0082 -0.0318 0.0921  2044 HOH A O   
323 O O   . HOH D .  ? 0.4703 0.2527 0.3370 -0.0146 0.0753  -0.0206 2045 HOH A O   
324 O O   . HOH D .  ? 0.3546 0.3559 0.3514 0.0241  0.0396  0.0138  2046 HOH A O   
325 O O   . HOH D .  ? 0.2457 0.2470 0.2731 0.0518  0.0081  -0.0170 2047 HOH A O   
326 O O   . HOH D .  ? 0.1481 0.1043 0.1521 0.0259  -0.0046 0.0067  2048 HOH A O   
327 O O   . HOH D .  ? 0.4330 0.4273 0.3802 0.0533  0.0101  -0.0026 2049 HOH A O   
328 O O   . HOH D .  ? 0.2440 0.2332 0.2010 0.0129  -0.0443 0.0112  2050 HOH A O   
329 O O   . HOH D .  ? 0.3070 0.2950 0.3311 -0.0051 -0.0463 0.0110  2051 HOH A O   
330 O O   . HOH D .  ? 0.4046 0.3543 0.3700 -0.0089 -0.0090 -0.0096 2052 HOH A O   
331 O O   . HOH D .  ? 0.1136 0.2091 0.2346 0.0010  0.0036  0.0226  2053 HOH A O   
332 O O   . HOH D .  ? 0.1695 0.1941 0.1658 0.0498  0.0076  0.0050  2054 HOH A O   
333 O O   . HOH D .  ? 0.5920 0.5800 0.5547 -0.0086 0.0107  0.0009  2055 HOH A O   
334 O O   . HOH D .  ? 0.6490 0.6251 0.5959 -0.0107 0.0055  0.0282  2056 HOH A O   
335 O O   . HOH D .  ? 0.5956 0.5866 0.5654 -0.0004 0.0006  0.0086  2057 HOH A O   
336 O O   . HOH D .  ? 0.2737 0.3697 0.3474 0.0060  -0.0158 -0.0124 2058 HOH A O   
# 
loop_
_pdbx_poly_seq_scheme.asym_id 
_pdbx_poly_seq_scheme.entity_id 
_pdbx_poly_seq_scheme.seq_id 
_pdbx_poly_seq_scheme.mon_id 
_pdbx_poly_seq_scheme.ndb_seq_num 
_pdbx_poly_seq_scheme.pdb_seq_num 
_pdbx_poly_seq_scheme.auth_seq_num 
_pdbx_poly_seq_scheme.pdb_mon_id 
_pdbx_poly_seq_scheme.auth_mon_id 
_pdbx_poly_seq_scheme.pdb_strand_id 
_pdbx_poly_seq_scheme.pdb_ins_code 
_pdbx_poly_seq_scheme.hetero 
A 1 1  MET 1  610 ?   ?   ?   A . n 
A 1 2  HIS 2  611 ?   ?   ?   A . n 
A 1 3  HIS 3  612 ?   ?   ?   A . n 
A 1 4  HIS 4  613 ?   ?   ?   A . n 
A 1 5  HIS 5  614 ?   ?   ?   A . n 
A 1 6  HIS 6  615 ?   ?   ?   A . n 
A 1 7  HIS 7  616 ?   ?   ?   A . n 
A 1 8  SER 8  617 ?   ?   ?   A . n 
A 1 9  SER 9  618 ?   ?   ?   A . n 
A 1 10 GLY 10 619 ?   ?   ?   A . n 
A 1 11 VAL 11 620 ?   ?   ?   A . n 
A 1 12 ASP 12 621 ?   ?   ?   A . n 
A 1 13 LEU 13 622 ?   ?   ?   A . n 
A 1 14 GLY 14 623 ?   ?   ?   A . n 
A 1 15 THR 15 624 ?   ?   ?   A . n 
A 1 16 GLU 16 625 ?   ?   ?   A . n 
A 1 17 ASN 17 626 ?   ?   ?   A . n 
A 1 18 LEU 18 627 ?   ?   ?   A . n 
A 1 19 TYR 19 628 ?   ?   ?   A . n 
A 1 20 PHE 20 629 ?   ?   ?   A . n 
A 1 21 GLN 21 630 ?   ?   ?   A . n 
A 1 22 SER 22 631 ?   ?   ?   A . n 
A 1 23 MET 23 632 ?   ?   ?   A . n 
A 1 24 THR 24 633 633 THR THR A . n 
A 1 25 SER 25 634 634 SER SER A . n 
A 1 26 SER 26 635 635 SER SER A . n 
A 1 27 VAL 27 636 636 VAL VAL A . n 
A 1 28 LEU 28 637 637 LEU LEU A . n 
A 1 29 ARG 29 638 638 ARG ARG A . n 
A 1 30 SER 30 639 639 SER SER A . n 
A 1 31 PRO 31 640 640 PRO PRO A . n 
A 1 32 MET 32 641 641 MET MET A . n 
A 1 33 PRO 33 642 642 PRO PRO A . n 
A 1 34 GLY 34 643 643 GLY GLY A . n 
A 1 35 VAL 35 644 644 VAL VAL A . n 
A 1 36 VAL 36 645 645 VAL VAL A . n 
A 1 37 VAL 37 646 646 VAL VAL A . n 
A 1 38 ALA 38 647 647 ALA ALA A . n 
A 1 39 VAL 39 648 648 VAL VAL A . n 
A 1 40 SER 40 649 649 SER SER A . n 
A 1 41 VAL 41 650 650 VAL VAL A . n 
A 1 42 LYS 42 651 651 LYS LYS A . n 
A 1 43 PRO 43 652 652 PRO PRO A . n 
A 1 44 GLY 44 653 653 GLY GLY A . n 
A 1 45 ASP 45 654 654 ASP ASP A . n 
A 1 46 ALA 46 655 655 ALA ALA A . n 
A 1 47 VAL 47 656 656 VAL VAL A . n 
A 1 48 ALA 48 657 657 ALA ALA A . n 
A 1 49 GLU 49 658 658 GLU GLU A . n 
A 1 50 GLY 50 659 659 GLY GLY A . n 
A 1 51 GLN 51 660 660 GLN GLN A . n 
A 1 52 GLU 52 661 661 GLU GLU A . n 
A 1 53 ILE 53 662 662 ILE ILE A . n 
A 1 54 CYS 54 663 663 CYS CYS A . n 
A 1 55 VAL 55 664 664 VAL VAL A . n 
A 1 56 ILE 56 665 665 ILE ILE A . n 
A 1 57 GLU 57 666 666 GLU GLU A . n 
A 1 58 ALA 58 667 667 ALA ALA A . n 
A 1 59 MET 59 668 ?   ?   ?   A . n 
A 1 60 LYS 60 669 ?   ?   ?   A . n 
A 1 61 MET 61 670 ?   ?   ?   A . n 
A 1 62 GLN 62 671 ?   ?   ?   A . n 
A 1 63 ASN 63 672 ?   ?   ?   A . n 
A 1 64 SER 64 673 ?   ?   ?   A . n 
A 1 65 MET 65 674 ?   ?   ?   A . n 
A 1 66 THR 66 675 ?   ?   ?   A . n 
A 1 67 ALA 67 676 ?   ?   ?   A . n 
A 1 68 GLY 68 677 ?   ?   ?   A . n 
A 1 69 LYS 69 678 ?   ?   ?   A . n 
A 1 70 THR 70 679 ?   ?   ?   A . n 
A 1 71 GLY 71 680 ?   ?   ?   A . n 
A 1 72 THR 72 681 ?   ?   ?   A . n 
A 1 73 VAL 73 682 ?   ?   ?   A . n 
A 1 74 LYS 74 683 ?   ?   ?   A . n 
A 1 75 SER 75 684 ?   ?   ?   A . n 
A 1 76 VAL 76 685 ?   ?   ?   A . n 
A 1 77 HIS 77 686 ?   ?   ?   A . n 
A 1 78 CYS 78 687 ?   ?   ?   A . n 
A 1 79 GLN 79 688 ?   ?   ?   A . n 
A 1 80 ALA 80 689 ?   ?   ?   A . n 
A 1 81 GLY 81 690 ?   ?   ?   A . n 
A 1 82 ASP 82 691 ?   ?   ?   A . n 
A 1 83 THR 83 692 ?   ?   ?   A . n 
A 1 84 VAL 84 693 ?   ?   ?   A . n 
A 1 85 GLY 85 694 ?   ?   ?   A . n 
A 1 86 GLU 86 695 ?   ?   ?   A . n 
A 1 87 GLY 87 696 ?   ?   ?   A . n 
A 1 88 ASP 88 697 ?   ?   ?   A . n 
A 1 89 LEU 89 698 ?   ?   ?   A . n 
A 1 90 LEU 90 699 ?   ?   ?   A . n 
A 1 91 VAL 91 700 ?   ?   ?   A . n 
A 1 92 GLU 92 701 ?   ?   ?   A . n 
A 1 93 LEU 93 702 ?   ?   ?   A . n 
A 1 94 GLU 94 703 ?   ?   ?   A . n 
# 
loop_
_pdbx_nonpoly_scheme.asym_id 
_pdbx_nonpoly_scheme.entity_id 
_pdbx_nonpoly_scheme.mon_id 
_pdbx_nonpoly_scheme.ndb_seq_num 
_pdbx_nonpoly_scheme.pdb_seq_num 
_pdbx_nonpoly_scheme.auth_seq_num 
_pdbx_nonpoly_scheme.pdb_mon_id 
_pdbx_nonpoly_scheme.auth_mon_id 
_pdbx_nonpoly_scheme.pdb_strand_id 
_pdbx_nonpoly_scheme.pdb_ins_code 
B 2 PG4 1  1668 1668 PG4 PG4 A . 
C 2 PG4 1  1669 1669 PG4 PG4 A . 
D 3 HOH 1  2001 2001 HOH HOH A . 
D 3 HOH 2  2002 2002 HOH HOH A . 
D 3 HOH 3  2003 2003 HOH HOH A . 
D 3 HOH 4  2004 2004 HOH HOH A . 
D 3 HOH 5  2005 2005 HOH HOH A . 
D 3 HOH 6  2006 2006 HOH HOH A . 
D 3 HOH 7  2007 2007 HOH HOH A . 
D 3 HOH 8  2008 2008 HOH HOH A . 
D 3 HOH 9  2009 2009 HOH HOH A . 
D 3 HOH 10 2010 2010 HOH HOH A . 
D 3 HOH 11 2011 2011 HOH HOH A . 
D 3 HOH 12 2012 2012 HOH HOH A . 
D 3 HOH 13 2013 2013 HOH HOH A . 
D 3 HOH 14 2014 2014 HOH HOH A . 
D 3 HOH 15 2015 2015 HOH HOH A . 
D 3 HOH 16 2016 2016 HOH HOH A . 
D 3 HOH 17 2017 2017 HOH HOH A . 
D 3 HOH 18 2018 2018 HOH HOH A . 
D 3 HOH 19 2019 2019 HOH HOH A . 
D 3 HOH 20 2020 2020 HOH HOH A . 
D 3 HOH 21 2021 2021 HOH HOH A . 
D 3 HOH 22 2022 2022 HOH HOH A . 
D 3 HOH 23 2023 2023 HOH HOH A . 
D 3 HOH 24 2024 2024 HOH HOH A . 
D 3 HOH 25 2025 2025 HOH HOH A . 
D 3 HOH 26 2026 2026 HOH HOH A . 
D 3 HOH 27 2027 2027 HOH HOH A . 
D 3 HOH 28 2028 2028 HOH HOH A . 
D 3 HOH 29 2029 2029 HOH HOH A . 
D 3 HOH 30 2030 2030 HOH HOH A . 
D 3 HOH 31 2031 2031 HOH HOH A . 
D 3 HOH 32 2032 2032 HOH HOH A . 
D 3 HOH 33 2033 2033 HOH HOH A . 
D 3 HOH 34 2034 2034 HOH HOH A . 
D 3 HOH 35 2035 2035 HOH HOH A . 
D 3 HOH 36 2036 2036 HOH HOH A . 
D 3 HOH 37 2037 2037 HOH HOH A . 
D 3 HOH 38 2038 2038 HOH HOH A . 
D 3 HOH 39 2039 2039 HOH HOH A . 
D 3 HOH 40 2040 2040 HOH HOH A . 
D 3 HOH 41 2041 2041 HOH HOH A . 
D 3 HOH 42 2042 2042 HOH HOH A . 
D 3 HOH 43 2043 2043 HOH HOH A . 
D 3 HOH 44 2044 2044 HOH HOH A . 
D 3 HOH 45 2045 2045 HOH HOH A . 
D 3 HOH 46 2046 2046 HOH HOH A . 
D 3 HOH 47 2047 2047 HOH HOH A . 
D 3 HOH 48 2048 2048 HOH HOH A . 
D 3 HOH 49 2049 2049 HOH HOH A . 
D 3 HOH 50 2050 2050 HOH HOH A . 
D 3 HOH 51 2051 2051 HOH HOH A . 
D 3 HOH 52 2052 2052 HOH HOH A . 
D 3 HOH 53 2053 2053 HOH HOH A . 
D 3 HOH 54 2054 2054 HOH HOH A . 
D 3 HOH 55 2055 2055 HOH HOH A . 
D 3 HOH 56 2056 2056 HOH HOH A . 
D 3 HOH 57 2057 2057 HOH HOH A . 
D 3 HOH 58 2058 2058 HOH HOH A . 
# 
_pdbx_struct_assembly.id                   1 
_pdbx_struct_assembly.details              software_defined_assembly 
_pdbx_struct_assembly.method_details       PISA 
_pdbx_struct_assembly.oligomeric_details   dimeric 
_pdbx_struct_assembly.oligomeric_count     2 
# 
_pdbx_struct_assembly_gen.assembly_id       1 
_pdbx_struct_assembly_gen.oper_expression   1,2 
_pdbx_struct_assembly_gen.asym_id_list      A,B,C,D 
# 
loop_
_pdbx_struct_assembly_prop.biol_id 
_pdbx_struct_assembly_prop.type 
_pdbx_struct_assembly_prop.value 
_pdbx_struct_assembly_prop.details 
1 'ABSA (A^2)' 3720 ? 
1 MORE         -13  ? 
1 'SSA (A^2)'  4230 ? 
# 
loop_
_pdbx_struct_oper_list.id 
_pdbx_struct_oper_list.type 
_pdbx_struct_oper_list.name 
_pdbx_struct_oper_list.symmetry_operation 
_pdbx_struct_oper_list.matrix[1][1] 
_pdbx_struct_oper_list.matrix[1][2] 
_pdbx_struct_oper_list.matrix[1][3] 
_pdbx_struct_oper_list.vector[1] 
_pdbx_struct_oper_list.matrix[2][1] 
_pdbx_struct_oper_list.matrix[2][2] 
_pdbx_struct_oper_list.matrix[2][3] 
_pdbx_struct_oper_list.vector[2] 
_pdbx_struct_oper_list.matrix[3][1] 
_pdbx_struct_oper_list.matrix[3][2] 
_pdbx_struct_oper_list.matrix[3][3] 
_pdbx_struct_oper_list.vector[3] 
1 'identity operation'         1_555  x,y,z       1.0000000000  0.0000000000  0.0000000000  0.0000000000  0.0000000000  1.0000000000 0.0000000000 0.0000000000  0.0000000000  0.0000000000 1.0000000000  0.0000000000  
2 'crystal symmetry operation' 11_455 -x+y-1,y,-z -0.9422929078 -0.2987795332 -0.1510459084 -2.4554268114 -0.2987795332 0.5469365388 0.7820429739 -0.3426913985 -0.1510459084 0.7820429739 -0.6046436310 -0.2602279382 
# 
loop_
_pdbx_struct_special_symmetry.id 
_pdbx_struct_special_symmetry.PDB_model_num 
_pdbx_struct_special_symmetry.auth_asym_id 
_pdbx_struct_special_symmetry.auth_comp_id 
_pdbx_struct_special_symmetry.auth_seq_id 
_pdbx_struct_special_symmetry.PDB_ins_code 
_pdbx_struct_special_symmetry.label_asym_id 
_pdbx_struct_special_symmetry.label_comp_id 
_pdbx_struct_special_symmetry.label_seq_id 
1 1 A HOH 2002 ? D HOH . 
2 1 A HOH 2048 ? D HOH . 
# 
loop_
_pdbx_audit_revision_history.ordinal 
_pdbx_audit_revision_history.data_content_type 
_pdbx_audit_revision_history.major_revision 
_pdbx_audit_revision_history.minor_revision 
_pdbx_audit_revision_history.revision_date 
1 'Structure model' 1 0 2008-09-09 
2 'Structure model' 1 1 2013-12-04 
3 'Structure model' 1 2 2018-02-28 
4 'Structure model' 1 3 2020-03-04 
5 'Structure model' 1 4 2023-12-13 
# 
_pdbx_audit_revision_details.ordinal             1 
_pdbx_audit_revision_details.revision_ordinal    1 
_pdbx_audit_revision_details.data_content_type   'Structure model' 
_pdbx_audit_revision_details.provider            repository 
_pdbx_audit_revision_details.type                'Initial release' 
_pdbx_audit_revision_details.description         ? 
_pdbx_audit_revision_details.details             ? 
# 
loop_
_pdbx_audit_revision_group.ordinal 
_pdbx_audit_revision_group.revision_ordinal 
_pdbx_audit_revision_group.data_content_type 
_pdbx_audit_revision_group.group 
1 2 'Structure model' 'Source and taxonomy'       
2 2 'Structure model' 'Version format compliance' 
3 3 'Structure model' 'Database references'       
4 4 'Structure model' 'Derived calculations'      
5 4 'Structure model' Other                       
6 5 'Structure model' 'Data collection'           
7 5 'Structure model' 'Database references'       
8 5 'Structure model' 'Derived calculations'      
9 5 'Structure model' 'Refinement description'    
# 
loop_
_pdbx_audit_revision_category.ordinal 
_pdbx_audit_revision_category.revision_ordinal 
_pdbx_audit_revision_category.data_content_type 
_pdbx_audit_revision_category.category 
1  3 'Structure model' citation                      
2  3 'Structure model' citation_author               
3  4 'Structure model' pdbx_database_status          
4  4 'Structure model' pdbx_struct_assembly          
5  4 'Structure model' pdbx_struct_assembly_gen      
6  4 'Structure model' pdbx_struct_assembly_prop     
7  4 'Structure model' pdbx_struct_oper_list         
8  5 'Structure model' chem_comp_atom                
9  5 'Structure model' chem_comp_bond                
10 5 'Structure model' database_2                    
11 5 'Structure model' pdbx_initial_refinement_model 
12 5 'Structure model' struct_site                   
# 
loop_
_pdbx_audit_revision_item.ordinal 
_pdbx_audit_revision_item.revision_ordinal 
_pdbx_audit_revision_item.data_content_type 
_pdbx_audit_revision_item.item 
1  3 'Structure model' '_citation.journal_id_ISSN'                 
2  3 'Structure model' '_citation.page_last'                       
3  3 'Structure model' '_citation.pdbx_database_id_DOI'            
4  3 'Structure model' '_citation.title'                           
5  3 'Structure model' '_citation_author.name'                     
6  4 'Structure model' '_pdbx_database_status.status_code_sf'      
7  4 'Structure model' '_pdbx_struct_assembly.details'             
8  4 'Structure model' '_pdbx_struct_assembly.oligomeric_count'    
9  4 'Structure model' '_pdbx_struct_assembly.oligomeric_details'  
10 4 'Structure model' '_pdbx_struct_assembly_gen.oper_expression' 
11 5 'Structure model' '_database_2.pdbx_DOI'                      
12 5 'Structure model' '_database_2.pdbx_database_accession'       
13 5 'Structure model' '_struct_site.pdbx_auth_asym_id'            
14 5 'Structure model' '_struct_site.pdbx_auth_comp_id'            
15 5 'Structure model' '_struct_site.pdbx_auth_seq_id'             
# 
loop_
_software.name 
_software.classification 
_software.version 
_software.citation_id 
_software.pdbx_ordinal 
_software.date 
_software.type 
_software.location 
_software.language 
REFMAC refinement       5.5.0036 ? 1 ? ? ? ? 
MOSFLM 'data reduction' .        ? 2 ? ? ? ? 
SCALA  'data scaling'   .        ? 3 ? ? ? ? 
PHASER phasing          .        ? 4 ? ? ? ? 
# 
_pdbx_validate_close_contact.id               1 
_pdbx_validate_close_contact.PDB_model_num    1 
_pdbx_validate_close_contact.auth_atom_id_1   O 
_pdbx_validate_close_contact.auth_asym_id_1   A 
_pdbx_validate_close_contact.auth_comp_id_1   SER 
_pdbx_validate_close_contact.auth_seq_id_1    649 
_pdbx_validate_close_contact.PDB_ins_code_1   ? 
_pdbx_validate_close_contact.label_alt_id_1   ? 
_pdbx_validate_close_contact.auth_atom_id_2   O 
_pdbx_validate_close_contact.auth_asym_id_2   A 
_pdbx_validate_close_contact.auth_comp_id_2   HOH 
_pdbx_validate_close_contact.auth_seq_id_2    2036 
_pdbx_validate_close_contact.PDB_ins_code_2   ? 
_pdbx_validate_close_contact.label_alt_id_2   ? 
_pdbx_validate_close_contact.dist             2.18 
# 
_pdbx_distant_solvent_atoms.id                                1 
_pdbx_distant_solvent_atoms.PDB_model_num                     1 
_pdbx_distant_solvent_atoms.auth_atom_id                      O 
_pdbx_distant_solvent_atoms.label_alt_id                      ? 
_pdbx_distant_solvent_atoms.auth_asym_id                      A 
_pdbx_distant_solvent_atoms.auth_comp_id                      HOH 
_pdbx_distant_solvent_atoms.auth_seq_id                       2008 
_pdbx_distant_solvent_atoms.PDB_ins_code                      ? 
_pdbx_distant_solvent_atoms.neighbor_macromolecule_distance   6.18 
_pdbx_distant_solvent_atoms.neighbor_ligand_distance          . 
# 
loop_
_pdbx_unobs_or_zero_occ_atoms.id 
_pdbx_unobs_or_zero_occ_atoms.PDB_model_num 
_pdbx_unobs_or_zero_occ_atoms.polymer_flag 
_pdbx_unobs_or_zero_occ_atoms.occupancy_flag 
_pdbx_unobs_or_zero_occ_atoms.auth_asym_id 
_pdbx_unobs_or_zero_occ_atoms.auth_comp_id 
_pdbx_unobs_or_zero_occ_atoms.auth_seq_id 
_pdbx_unobs_or_zero_occ_atoms.PDB_ins_code 
_pdbx_unobs_or_zero_occ_atoms.auth_atom_id 
_pdbx_unobs_or_zero_occ_atoms.label_alt_id 
_pdbx_unobs_or_zero_occ_atoms.label_asym_id 
_pdbx_unobs_or_zero_occ_atoms.label_comp_id 
_pdbx_unobs_or_zero_occ_atoms.label_seq_id 
_pdbx_unobs_or_zero_occ_atoms.label_atom_id 
1 1 N 1 A PG4 1669 ? C7 ? C PG4 1 C7 
2 1 N 1 A PG4 1669 ? C8 ? C PG4 1 C8 
3 1 N 1 A PG4 1669 ? O5 ? C PG4 1 O5 
# 
loop_
_pdbx_unobs_or_zero_occ_residues.id 
_pdbx_unobs_or_zero_occ_residues.PDB_model_num 
_pdbx_unobs_or_zero_occ_residues.polymer_flag 
_pdbx_unobs_or_zero_occ_residues.occupancy_flag 
_pdbx_unobs_or_zero_occ_residues.auth_asym_id 
_pdbx_unobs_or_zero_occ_residues.auth_comp_id 
_pdbx_unobs_or_zero_occ_residues.auth_seq_id 
_pdbx_unobs_or_zero_occ_residues.PDB_ins_code 
_pdbx_unobs_or_zero_occ_residues.label_asym_id 
_pdbx_unobs_or_zero_occ_residues.label_comp_id 
_pdbx_unobs_or_zero_occ_residues.label_seq_id 
1  1 Y 1 A MET 610 ? A MET 1  
2  1 Y 1 A HIS 611 ? A HIS 2  
3  1 Y 1 A HIS 612 ? A HIS 3  
4  1 Y 1 A HIS 613 ? A HIS 4  
5  1 Y 1 A HIS 614 ? A HIS 5  
6  1 Y 1 A HIS 615 ? A HIS 6  
7  1 Y 1 A HIS 616 ? A HIS 7  
8  1 Y 1 A SER 617 ? A SER 8  
9  1 Y 1 A SER 618 ? A SER 9  
10 1 Y 1 A GLY 619 ? A GLY 10 
11 1 Y 1 A VAL 620 ? A VAL 11 
12 1 Y 1 A ASP 621 ? A ASP 12 
13 1 Y 1 A LEU 622 ? A LEU 13 
14 1 Y 1 A GLY 623 ? A GLY 14 
15 1 Y 1 A THR 624 ? A THR 15 
16 1 Y 1 A GLU 625 ? A GLU 16 
17 1 Y 1 A ASN 626 ? A ASN 17 
18 1 Y 1 A LEU 627 ? A LEU 18 
19 1 Y 1 A TYR 628 ? A TYR 19 
20 1 Y 1 A PHE 629 ? A PHE 20 
21 1 Y 1 A GLN 630 ? A GLN 21 
22 1 Y 1 A SER 631 ? A SER 22 
23 1 Y 1 A MET 632 ? A MET 23 
24 1 Y 1 A MET 668 ? A MET 59 
25 1 Y 1 A LYS 669 ? A LYS 60 
26 1 Y 1 A MET 670 ? A MET 61 
27 1 Y 1 A GLN 671 ? A GLN 62 
28 1 Y 1 A ASN 672 ? A ASN 63 
29 1 Y 1 A SER 673 ? A SER 64 
30 1 Y 1 A MET 674 ? A MET 65 
31 1 Y 1 A THR 675 ? A THR 66 
32 1 Y 1 A ALA 676 ? A ALA 67 
33 1 Y 1 A GLY 677 ? A GLY 68 
34 1 Y 1 A LYS 678 ? A LYS 69 
35 1 Y 1 A THR 679 ? A THR 70 
36 1 Y 1 A GLY 680 ? A GLY 71 
37 1 Y 1 A THR 681 ? A THR 72 
38 1 Y 1 A VAL 682 ? A VAL 73 
39 1 Y 1 A LYS 683 ? A LYS 74 
40 1 Y 1 A SER 684 ? A SER 75 
41 1 Y 1 A VAL 685 ? A VAL 76 
42 1 Y 1 A HIS 686 ? A HIS 77 
43 1 Y 1 A CYS 687 ? A CYS 78 
44 1 Y 1 A GLN 688 ? A GLN 79 
45 1 Y 1 A ALA 689 ? A ALA 80 
46 1 Y 1 A GLY 690 ? A GLY 81 
47 1 Y 1 A ASP 691 ? A ASP 82 
48 1 Y 1 A THR 692 ? A THR 83 
49 1 Y 1 A VAL 693 ? A VAL 84 
50 1 Y 1 A GLY 694 ? A GLY 85 
51 1 Y 1 A GLU 695 ? A GLU 86 
52 1 Y 1 A GLY 696 ? A GLY 87 
53 1 Y 1 A ASP 697 ? A ASP 88 
54 1 Y 1 A LEU 698 ? A LEU 89 
55 1 Y 1 A LEU 699 ? A LEU 90 
56 1 Y 1 A VAL 700 ? A VAL 91 
57 1 Y 1 A GLU 701 ? A GLU 92 
58 1 Y 1 A LEU 702 ? A LEU 93 
59 1 Y 1 A GLU 703 ? A GLU 94 
# 
loop_
_chem_comp_atom.comp_id 
_chem_comp_atom.atom_id 
_chem_comp_atom.type_symbol 
_chem_comp_atom.pdbx_aromatic_flag 
_chem_comp_atom.pdbx_stereo_config 
_chem_comp_atom.pdbx_ordinal 
ALA N    N N N 1   
ALA CA   C N S 2   
ALA C    C N N 3   
ALA O    O N N 4   
ALA CB   C N N 5   
ALA OXT  O N N 6   
ALA H    H N N 7   
ALA H2   H N N 8   
ALA HA   H N N 9   
ALA HB1  H N N 10  
ALA HB2  H N N 11  
ALA HB3  H N N 12  
ALA HXT  H N N 13  
ARG N    N N N 14  
ARG CA   C N S 15  
ARG C    C N N 16  
ARG O    O N N 17  
ARG CB   C N N 18  
ARG CG   C N N 19  
ARG CD   C N N 20  
ARG NE   N N N 21  
ARG CZ   C N N 22  
ARG NH1  N N N 23  
ARG NH2  N N N 24  
ARG OXT  O N N 25  
ARG H    H N N 26  
ARG H2   H N N 27  
ARG HA   H N N 28  
ARG HB2  H N N 29  
ARG HB3  H N N 30  
ARG HG2  H N N 31  
ARG HG3  H N N 32  
ARG HD2  H N N 33  
ARG HD3  H N N 34  
ARG HE   H N N 35  
ARG HH11 H N N 36  
ARG HH12 H N N 37  
ARG HH21 H N N 38  
ARG HH22 H N N 39  
ARG HXT  H N N 40  
ASN N    N N N 41  
ASN CA   C N S 42  
ASN C    C N N 43  
ASN O    O N N 44  
ASN CB   C N N 45  
ASN CG   C N N 46  
ASN OD1  O N N 47  
ASN ND2  N N N 48  
ASN OXT  O N N 49  
ASN H    H N N 50  
ASN H2   H N N 51  
ASN HA   H N N 52  
ASN HB2  H N N 53  
ASN HB3  H N N 54  
ASN HD21 H N N 55  
ASN HD22 H N N 56  
ASN HXT  H N N 57  
ASP N    N N N 58  
ASP CA   C N S 59  
ASP C    C N N 60  
ASP O    O N N 61  
ASP CB   C N N 62  
ASP CG   C N N 63  
ASP OD1  O N N 64  
ASP OD2  O N N 65  
ASP OXT  O N N 66  
ASP H    H N N 67  
ASP H2   H N N 68  
ASP HA   H N N 69  
ASP HB2  H N N 70  
ASP HB3  H N N 71  
ASP HD2  H N N 72  
ASP HXT  H N N 73  
CYS N    N N N 74  
CYS CA   C N R 75  
CYS C    C N N 76  
CYS O    O N N 77  
CYS CB   C N N 78  
CYS SG   S N N 79  
CYS OXT  O N N 80  
CYS H    H N N 81  
CYS H2   H N N 82  
CYS HA   H N N 83  
CYS HB2  H N N 84  
CYS HB3  H N N 85  
CYS HG   H N N 86  
CYS HXT  H N N 87  
GLN N    N N N 88  
GLN CA   C N S 89  
GLN C    C N N 90  
GLN O    O N N 91  
GLN CB   C N N 92  
GLN CG   C N N 93  
GLN CD   C N N 94  
GLN OE1  O N N 95  
GLN NE2  N N N 96  
GLN OXT  O N N 97  
GLN H    H N N 98  
GLN H2   H N N 99  
GLN HA   H N N 100 
GLN HB2  H N N 101 
GLN HB3  H N N 102 
GLN HG2  H N N 103 
GLN HG3  H N N 104 
GLN HE21 H N N 105 
GLN HE22 H N N 106 
GLN HXT  H N N 107 
GLU N    N N N 108 
GLU CA   C N S 109 
GLU C    C N N 110 
GLU O    O N N 111 
GLU CB   C N N 112 
GLU CG   C N N 113 
GLU CD   C N N 114 
GLU OE1  O N N 115 
GLU OE2  O N N 116 
GLU OXT  O N N 117 
GLU H    H N N 118 
GLU H2   H N N 119 
GLU HA   H N N 120 
GLU HB2  H N N 121 
GLU HB3  H N N 122 
GLU HG2  H N N 123 
GLU HG3  H N N 124 
GLU HE2  H N N 125 
GLU HXT  H N N 126 
GLY N    N N N 127 
GLY CA   C N N 128 
GLY C    C N N 129 
GLY O    O N N 130 
GLY OXT  O N N 131 
GLY H    H N N 132 
GLY H2   H N N 133 
GLY HA2  H N N 134 
GLY HA3  H N N 135 
GLY HXT  H N N 136 
HIS N    N N N 137 
HIS CA   C N S 138 
HIS C    C N N 139 
HIS O    O N N 140 
HIS CB   C N N 141 
HIS CG   C Y N 142 
HIS ND1  N Y N 143 
HIS CD2  C Y N 144 
HIS CE1  C Y N 145 
HIS NE2  N Y N 146 
HIS OXT  O N N 147 
HIS H    H N N 148 
HIS H2   H N N 149 
HIS HA   H N N 150 
HIS HB2  H N N 151 
HIS HB3  H N N 152 
HIS HD1  H N N 153 
HIS HD2  H N N 154 
HIS HE1  H N N 155 
HIS HE2  H N N 156 
HIS HXT  H N N 157 
HOH O    O N N 158 
HOH H1   H N N 159 
HOH H2   H N N 160 
ILE N    N N N 161 
ILE CA   C N S 162 
ILE C    C N N 163 
ILE O    O N N 164 
ILE CB   C N S 165 
ILE CG1  C N N 166 
ILE CG2  C N N 167 
ILE CD1  C N N 168 
ILE OXT  O N N 169 
ILE H    H N N 170 
ILE H2   H N N 171 
ILE HA   H N N 172 
ILE HB   H N N 173 
ILE HG12 H N N 174 
ILE HG13 H N N 175 
ILE HG21 H N N 176 
ILE HG22 H N N 177 
ILE HG23 H N N 178 
ILE HD11 H N N 179 
ILE HD12 H N N 180 
ILE HD13 H N N 181 
ILE HXT  H N N 182 
LEU N    N N N 183 
LEU CA   C N S 184 
LEU C    C N N 185 
LEU O    O N N 186 
LEU CB   C N N 187 
LEU CG   C N N 188 
LEU CD1  C N N 189 
LEU CD2  C N N 190 
LEU OXT  O N N 191 
LEU H    H N N 192 
LEU H2   H N N 193 
LEU HA   H N N 194 
LEU HB2  H N N 195 
LEU HB3  H N N 196 
LEU HG   H N N 197 
LEU HD11 H N N 198 
LEU HD12 H N N 199 
LEU HD13 H N N 200 
LEU HD21 H N N 201 
LEU HD22 H N N 202 
LEU HD23 H N N 203 
LEU HXT  H N N 204 
LYS N    N N N 205 
LYS CA   C N S 206 
LYS C    C N N 207 
LYS O    O N N 208 
LYS CB   C N N 209 
LYS CG   C N N 210 
LYS CD   C N N 211 
LYS CE   C N N 212 
LYS NZ   N N N 213 
LYS OXT  O N N 214 
LYS H    H N N 215 
LYS H2   H N N 216 
LYS HA   H N N 217 
LYS HB2  H N N 218 
LYS HB3  H N N 219 
LYS HG2  H N N 220 
LYS HG3  H N N 221 
LYS HD2  H N N 222 
LYS HD3  H N N 223 
LYS HE2  H N N 224 
LYS HE3  H N N 225 
LYS HZ1  H N N 226 
LYS HZ2  H N N 227 
LYS HZ3  H N N 228 
LYS HXT  H N N 229 
MET N    N N N 230 
MET CA   C N S 231 
MET C    C N N 232 
MET O    O N N 233 
MET CB   C N N 234 
MET CG   C N N 235 
MET SD   S N N 236 
MET CE   C N N 237 
MET OXT  O N N 238 
MET H    H N N 239 
MET H2   H N N 240 
MET HA   H N N 241 
MET HB2  H N N 242 
MET HB3  H N N 243 
MET HG2  H N N 244 
MET HG3  H N N 245 
MET HE1  H N N 246 
MET HE2  H N N 247 
MET HE3  H N N 248 
MET HXT  H N N 249 
PG4 O1   O N N 250 
PG4 C1   C N N 251 
PG4 C2   C N N 252 
PG4 O2   O N N 253 
PG4 C3   C N N 254 
PG4 C4   C N N 255 
PG4 O3   O N N 256 
PG4 C5   C N N 257 
PG4 C6   C N N 258 
PG4 O4   O N N 259 
PG4 C7   C N N 260 
PG4 C8   C N N 261 
PG4 O5   O N N 262 
PG4 HO1  H N N 263 
PG4 H11  H N N 264 
PG4 H12  H N N 265 
PG4 H21  H N N 266 
PG4 H22  H N N 267 
PG4 H31  H N N 268 
PG4 H32  H N N 269 
PG4 H41  H N N 270 
PG4 H42  H N N 271 
PG4 H51  H N N 272 
PG4 H52  H N N 273 
PG4 H61  H N N 274 
PG4 H62  H N N 275 
PG4 H71  H N N 276 
PG4 H72  H N N 277 
PG4 H81  H N N 278 
PG4 H82  H N N 279 
PG4 HO5  H N N 280 
PHE N    N N N 281 
PHE CA   C N S 282 
PHE C    C N N 283 
PHE O    O N N 284 
PHE CB   C N N 285 
PHE CG   C Y N 286 
PHE CD1  C Y N 287 
PHE CD2  C Y N 288 
PHE CE1  C Y N 289 
PHE CE2  C Y N 290 
PHE CZ   C Y N 291 
PHE OXT  O N N 292 
PHE H    H N N 293 
PHE H2   H N N 294 
PHE HA   H N N 295 
PHE HB2  H N N 296 
PHE HB3  H N N 297 
PHE HD1  H N N 298 
PHE HD2  H N N 299 
PHE HE1  H N N 300 
PHE HE2  H N N 301 
PHE HZ   H N N 302 
PHE HXT  H N N 303 
PRO N    N N N 304 
PRO CA   C N S 305 
PRO C    C N N 306 
PRO O    O N N 307 
PRO CB   C N N 308 
PRO CG   C N N 309 
PRO CD   C N N 310 
PRO OXT  O N N 311 
PRO H    H N N 312 
PRO HA   H N N 313 
PRO HB2  H N N 314 
PRO HB3  H N N 315 
PRO HG2  H N N 316 
PRO HG3  H N N 317 
PRO HD2  H N N 318 
PRO HD3  H N N 319 
PRO HXT  H N N 320 
SER N    N N N 321 
SER CA   C N S 322 
SER C    C N N 323 
SER O    O N N 324 
SER CB   C N N 325 
SER OG   O N N 326 
SER OXT  O N N 327 
SER H    H N N 328 
SER H2   H N N 329 
SER HA   H N N 330 
SER HB2  H N N 331 
SER HB3  H N N 332 
SER HG   H N N 333 
SER HXT  H N N 334 
THR N    N N N 335 
THR CA   C N S 336 
THR C    C N N 337 
THR O    O N N 338 
THR CB   C N R 339 
THR OG1  O N N 340 
THR CG2  C N N 341 
THR OXT  O N N 342 
THR H    H N N 343 
THR H2   H N N 344 
THR HA   H N N 345 
THR HB   H N N 346 
THR HG1  H N N 347 
THR HG21 H N N 348 
THR HG22 H N N 349 
THR HG23 H N N 350 
THR HXT  H N N 351 
TYR N    N N N 352 
TYR CA   C N S 353 
TYR C    C N N 354 
TYR O    O N N 355 
TYR CB   C N N 356 
TYR CG   C Y N 357 
TYR CD1  C Y N 358 
TYR CD2  C Y N 359 
TYR CE1  C Y N 360 
TYR CE2  C Y N 361 
TYR CZ   C Y N 362 
TYR OH   O N N 363 
TYR OXT  O N N 364 
TYR H    H N N 365 
TYR H2   H N N 366 
TYR HA   H N N 367 
TYR HB2  H N N 368 
TYR HB3  H N N 369 
TYR HD1  H N N 370 
TYR HD2  H N N 371 
TYR HE1  H N N 372 
TYR HE2  H N N 373 
TYR HH   H N N 374 
TYR HXT  H N N 375 
VAL N    N N N 376 
VAL CA   C N S 377 
VAL C    C N N 378 
VAL O    O N N 379 
VAL CB   C N N 380 
VAL CG1  C N N 381 
VAL CG2  C N N 382 
VAL OXT  O N N 383 
VAL H    H N N 384 
VAL H2   H N N 385 
VAL HA   H N N 386 
VAL HB   H N N 387 
VAL HG11 H N N 388 
VAL HG12 H N N 389 
VAL HG13 H N N 390 
VAL HG21 H N N 391 
VAL HG22 H N N 392 
VAL HG23 H N N 393 
VAL HXT  H N N 394 
# 
loop_
_chem_comp_bond.comp_id 
_chem_comp_bond.atom_id_1 
_chem_comp_bond.atom_id_2 
_chem_comp_bond.value_order 
_chem_comp_bond.pdbx_aromatic_flag 
_chem_comp_bond.pdbx_stereo_config 
_chem_comp_bond.pdbx_ordinal 
ALA N   CA   sing N N 1   
ALA N   H    sing N N 2   
ALA N   H2   sing N N 3   
ALA CA  C    sing N N 4   
ALA CA  CB   sing N N 5   
ALA CA  HA   sing N N 6   
ALA C   O    doub N N 7   
ALA C   OXT  sing N N 8   
ALA CB  HB1  sing N N 9   
ALA CB  HB2  sing N N 10  
ALA CB  HB3  sing N N 11  
ALA OXT HXT  sing N N 12  
ARG N   CA   sing N N 13  
ARG N   H    sing N N 14  
ARG N   H2   sing N N 15  
ARG CA  C    sing N N 16  
ARG CA  CB   sing N N 17  
ARG CA  HA   sing N N 18  
ARG C   O    doub N N 19  
ARG C   OXT  sing N N 20  
ARG CB  CG   sing N N 21  
ARG CB  HB2  sing N N 22  
ARG CB  HB3  sing N N 23  
ARG CG  CD   sing N N 24  
ARG CG  HG2  sing N N 25  
ARG CG  HG3  sing N N 26  
ARG CD  NE   sing N N 27  
ARG CD  HD2  sing N N 28  
ARG CD  HD3  sing N N 29  
ARG NE  CZ   sing N N 30  
ARG NE  HE   sing N N 31  
ARG CZ  NH1  sing N N 32  
ARG CZ  NH2  doub N N 33  
ARG NH1 HH11 sing N N 34  
ARG NH1 HH12 sing N N 35  
ARG NH2 HH21 sing N N 36  
ARG NH2 HH22 sing N N 37  
ARG OXT HXT  sing N N 38  
ASN N   CA   sing N N 39  
ASN N   H    sing N N 40  
ASN N   H2   sing N N 41  
ASN CA  C    sing N N 42  
ASN CA  CB   sing N N 43  
ASN CA  HA   sing N N 44  
ASN C   O    doub N N 45  
ASN C   OXT  sing N N 46  
ASN CB  CG   sing N N 47  
ASN CB  HB2  sing N N 48  
ASN CB  HB3  sing N N 49  
ASN CG  OD1  doub N N 50  
ASN CG  ND2  sing N N 51  
ASN ND2 HD21 sing N N 52  
ASN ND2 HD22 sing N N 53  
ASN OXT HXT  sing N N 54  
ASP N   CA   sing N N 55  
ASP N   H    sing N N 56  
ASP N   H2   sing N N 57  
ASP CA  C    sing N N 58  
ASP CA  CB   sing N N 59  
ASP CA  HA   sing N N 60  
ASP C   O    doub N N 61  
ASP C   OXT  sing N N 62  
ASP CB  CG   sing N N 63  
ASP CB  HB2  sing N N 64  
ASP CB  HB3  sing N N 65  
ASP CG  OD1  doub N N 66  
ASP CG  OD2  sing N N 67  
ASP OD2 HD2  sing N N 68  
ASP OXT HXT  sing N N 69  
CYS N   CA   sing N N 70  
CYS N   H    sing N N 71  
CYS N   H2   sing N N 72  
CYS CA  C    sing N N 73  
CYS CA  CB   sing N N 74  
CYS CA  HA   sing N N 75  
CYS C   O    doub N N 76  
CYS C   OXT  sing N N 77  
CYS CB  SG   sing N N 78  
CYS CB  HB2  sing N N 79  
CYS CB  HB3  sing N N 80  
CYS SG  HG   sing N N 81  
CYS OXT HXT  sing N N 82  
GLN N   CA   sing N N 83  
GLN N   H    sing N N 84  
GLN N   H2   sing N N 85  
GLN CA  C    sing N N 86  
GLN CA  CB   sing N N 87  
GLN CA  HA   sing N N 88  
GLN C   O    doub N N 89  
GLN C   OXT  sing N N 90  
GLN CB  CG   sing N N 91  
GLN CB  HB2  sing N N 92  
GLN CB  HB3  sing N N 93  
GLN CG  CD   sing N N 94  
GLN CG  HG2  sing N N 95  
GLN CG  HG3  sing N N 96  
GLN CD  OE1  doub N N 97  
GLN CD  NE2  sing N N 98  
GLN NE2 HE21 sing N N 99  
GLN NE2 HE22 sing N N 100 
GLN OXT HXT  sing N N 101 
GLU N   CA   sing N N 102 
GLU N   H    sing N N 103 
GLU N   H2   sing N N 104 
GLU CA  C    sing N N 105 
GLU CA  CB   sing N N 106 
GLU CA  HA   sing N N 107 
GLU C   O    doub N N 108 
GLU C   OXT  sing N N 109 
GLU CB  CG   sing N N 110 
GLU CB  HB2  sing N N 111 
GLU CB  HB3  sing N N 112 
GLU CG  CD   sing N N 113 
GLU CG  HG2  sing N N 114 
GLU CG  HG3  sing N N 115 
GLU CD  OE1  doub N N 116 
GLU CD  OE2  sing N N 117 
GLU OE2 HE2  sing N N 118 
GLU OXT HXT  sing N N 119 
GLY N   CA   sing N N 120 
GLY N   H    sing N N 121 
GLY N   H2   sing N N 122 
GLY CA  C    sing N N 123 
GLY CA  HA2  sing N N 124 
GLY CA  HA3  sing N N 125 
GLY C   O    doub N N 126 
GLY C   OXT  sing N N 127 
GLY OXT HXT  sing N N 128 
HIS N   CA   sing N N 129 
HIS N   H    sing N N 130 
HIS N   H2   sing N N 131 
HIS CA  C    sing N N 132 
HIS CA  CB   sing N N 133 
HIS CA  HA   sing N N 134 
HIS C   O    doub N N 135 
HIS C   OXT  sing N N 136 
HIS CB  CG   sing N N 137 
HIS CB  HB2  sing N N 138 
HIS CB  HB3  sing N N 139 
HIS CG  ND1  sing Y N 140 
HIS CG  CD2  doub Y N 141 
HIS ND1 CE1  doub Y N 142 
HIS ND1 HD1  sing N N 143 
HIS CD2 NE2  sing Y N 144 
HIS CD2 HD2  sing N N 145 
HIS CE1 NE2  sing Y N 146 
HIS CE1 HE1  sing N N 147 
HIS NE2 HE2  sing N N 148 
HIS OXT HXT  sing N N 149 
HOH O   H1   sing N N 150 
HOH O   H2   sing N N 151 
ILE N   CA   sing N N 152 
ILE N   H    sing N N 153 
ILE N   H2   sing N N 154 
ILE CA  C    sing N N 155 
ILE CA  CB   sing N N 156 
ILE CA  HA   sing N N 157 
ILE C   O    doub N N 158 
ILE C   OXT  sing N N 159 
ILE CB  CG1  sing N N 160 
ILE CB  CG2  sing N N 161 
ILE CB  HB   sing N N 162 
ILE CG1 CD1  sing N N 163 
ILE CG1 HG12 sing N N 164 
ILE CG1 HG13 sing N N 165 
ILE CG2 HG21 sing N N 166 
ILE CG2 HG22 sing N N 167 
ILE CG2 HG23 sing N N 168 
ILE CD1 HD11 sing N N 169 
ILE CD1 HD12 sing N N 170 
ILE CD1 HD13 sing N N 171 
ILE OXT HXT  sing N N 172 
LEU N   CA   sing N N 173 
LEU N   H    sing N N 174 
LEU N   H2   sing N N 175 
LEU CA  C    sing N N 176 
LEU CA  CB   sing N N 177 
LEU CA  HA   sing N N 178 
LEU C   O    doub N N 179 
LEU C   OXT  sing N N 180 
LEU CB  CG   sing N N 181 
LEU CB  HB2  sing N N 182 
LEU CB  HB3  sing N N 183 
LEU CG  CD1  sing N N 184 
LEU CG  CD2  sing N N 185 
LEU CG  HG   sing N N 186 
LEU CD1 HD11 sing N N 187 
LEU CD1 HD12 sing N N 188 
LEU CD1 HD13 sing N N 189 
LEU CD2 HD21 sing N N 190 
LEU CD2 HD22 sing N N 191 
LEU CD2 HD23 sing N N 192 
LEU OXT HXT  sing N N 193 
LYS N   CA   sing N N 194 
LYS N   H    sing N N 195 
LYS N   H2   sing N N 196 
LYS CA  C    sing N N 197 
LYS CA  CB   sing N N 198 
LYS CA  HA   sing N N 199 
LYS C   O    doub N N 200 
LYS C   OXT  sing N N 201 
LYS CB  CG   sing N N 202 
LYS CB  HB2  sing N N 203 
LYS CB  HB3  sing N N 204 
LYS CG  CD   sing N N 205 
LYS CG  HG2  sing N N 206 
LYS CG  HG3  sing N N 207 
LYS CD  CE   sing N N 208 
LYS CD  HD2  sing N N 209 
LYS CD  HD3  sing N N 210 
LYS CE  NZ   sing N N 211 
LYS CE  HE2  sing N N 212 
LYS CE  HE3  sing N N 213 
LYS NZ  HZ1  sing N N 214 
LYS NZ  HZ2  sing N N 215 
LYS NZ  HZ3  sing N N 216 
LYS OXT HXT  sing N N 217 
MET N   CA   sing N N 218 
MET N   H    sing N N 219 
MET N   H2   sing N N 220 
MET CA  C    sing N N 221 
MET CA  CB   sing N N 222 
MET CA  HA   sing N N 223 
MET C   O    doub N N 224 
MET C   OXT  sing N N 225 
MET CB  CG   sing N N 226 
MET CB  HB2  sing N N 227 
MET CB  HB3  sing N N 228 
MET CG  SD   sing N N 229 
MET CG  HG2  sing N N 230 
MET CG  HG3  sing N N 231 
MET SD  CE   sing N N 232 
MET CE  HE1  sing N N 233 
MET CE  HE2  sing N N 234 
MET CE  HE3  sing N N 235 
MET OXT HXT  sing N N 236 
PG4 O1  C1   sing N N 237 
PG4 O1  HO1  sing N N 238 
PG4 C1  C2   sing N N 239 
PG4 C1  H11  sing N N 240 
PG4 C1  H12  sing N N 241 
PG4 C2  O2   sing N N 242 
PG4 C2  H21  sing N N 243 
PG4 C2  H22  sing N N 244 
PG4 O2  C3   sing N N 245 
PG4 C3  C4   sing N N 246 
PG4 C3  H31  sing N N 247 
PG4 C3  H32  sing N N 248 
PG4 C4  O3   sing N N 249 
PG4 C4  H41  sing N N 250 
PG4 C4  H42  sing N N 251 
PG4 O3  C5   sing N N 252 
PG4 C5  C6   sing N N 253 
PG4 C5  H51  sing N N 254 
PG4 C5  H52  sing N N 255 
PG4 C6  O4   sing N N 256 
PG4 C6  H61  sing N N 257 
PG4 C6  H62  sing N N 258 
PG4 O4  C7   sing N N 259 
PG4 C7  C8   sing N N 260 
PG4 C7  H71  sing N N 261 
PG4 C7  H72  sing N N 262 
PG4 C8  O5   sing N N 263 
PG4 C8  H81  sing N N 264 
PG4 C8  H82  sing N N 265 
PG4 O5  HO5  sing N N 266 
PHE N   CA   sing N N 267 
PHE N   H    sing N N 268 
PHE N   H2   sing N N 269 
PHE CA  C    sing N N 270 
PHE CA  CB   sing N N 271 
PHE CA  HA   sing N N 272 
PHE C   O    doub N N 273 
PHE C   OXT  sing N N 274 
PHE CB  CG   sing N N 275 
PHE CB  HB2  sing N N 276 
PHE CB  HB3  sing N N 277 
PHE CG  CD1  doub Y N 278 
PHE CG  CD2  sing Y N 279 
PHE CD1 CE1  sing Y N 280 
PHE CD1 HD1  sing N N 281 
PHE CD2 CE2  doub Y N 282 
PHE CD2 HD2  sing N N 283 
PHE CE1 CZ   doub Y N 284 
PHE CE1 HE1  sing N N 285 
PHE CE2 CZ   sing Y N 286 
PHE CE2 HE2  sing N N 287 
PHE CZ  HZ   sing N N 288 
PHE OXT HXT  sing N N 289 
PRO N   CA   sing N N 290 
PRO N   CD   sing N N 291 
PRO N   H    sing N N 292 
PRO CA  C    sing N N 293 
PRO CA  CB   sing N N 294 
PRO CA  HA   sing N N 295 
PRO C   O    doub N N 296 
PRO C   OXT  sing N N 297 
PRO CB  CG   sing N N 298 
PRO CB  HB2  sing N N 299 
PRO CB  HB3  sing N N 300 
PRO CG  CD   sing N N 301 
PRO CG  HG2  sing N N 302 
PRO CG  HG3  sing N N 303 
PRO CD  HD2  sing N N 304 
PRO CD  HD3  sing N N 305 
PRO OXT HXT  sing N N 306 
SER N   CA   sing N N 307 
SER N   H    sing N N 308 
SER N   H2   sing N N 309 
SER CA  C    sing N N 310 
SER CA  CB   sing N N 311 
SER CA  HA   sing N N 312 
SER C   O    doub N N 313 
SER C   OXT  sing N N 314 
SER CB  OG   sing N N 315 
SER CB  HB2  sing N N 316 
SER CB  HB3  sing N N 317 
SER OG  HG   sing N N 318 
SER OXT HXT  sing N N 319 
THR N   CA   sing N N 320 
THR N   H    sing N N 321 
THR N   H2   sing N N 322 
THR CA  C    sing N N 323 
THR CA  CB   sing N N 324 
THR CA  HA   sing N N 325 
THR C   O    doub N N 326 
THR C   OXT  sing N N 327 
THR CB  OG1  sing N N 328 
THR CB  CG2  sing N N 329 
THR CB  HB   sing N N 330 
THR OG1 HG1  sing N N 331 
THR CG2 HG21 sing N N 332 
THR CG2 HG22 sing N N 333 
THR CG2 HG23 sing N N 334 
THR OXT HXT  sing N N 335 
TYR N   CA   sing N N 336 
TYR N   H    sing N N 337 
TYR N   H2   sing N N 338 
TYR CA  C    sing N N 339 
TYR CA  CB   sing N N 340 
TYR CA  HA   sing N N 341 
TYR C   O    doub N N 342 
TYR C   OXT  sing N N 343 
TYR CB  CG   sing N N 344 
TYR CB  HB2  sing N N 345 
TYR CB  HB3  sing N N 346 
TYR CG  CD1  doub Y N 347 
TYR CG  CD2  sing Y N 348 
TYR CD1 CE1  sing Y N 349 
TYR CD1 HD1  sing N N 350 
TYR CD2 CE2  doub Y N 351 
TYR CD2 HD2  sing N N 352 
TYR CE1 CZ   doub Y N 353 
TYR CE1 HE1  sing N N 354 
TYR CE2 CZ   sing Y N 355 
TYR CE2 HE2  sing N N 356 
TYR CZ  OH   sing N N 357 
TYR OH  HH   sing N N 358 
TYR OXT HXT  sing N N 359 
VAL N   CA   sing N N 360 
VAL N   H    sing N N 361 
VAL N   H2   sing N N 362 
VAL CA  C    sing N N 363 
VAL CA  CB   sing N N 364 
VAL CA  HA   sing N N 365 
VAL C   O    doub N N 366 
VAL C   OXT  sing N N 367 
VAL CB  CG1  sing N N 368 
VAL CB  CG2  sing N N 369 
VAL CB  HB   sing N N 370 
VAL CG1 HG11 sing N N 371 
VAL CG1 HG12 sing N N 372 
VAL CG1 HG13 sing N N 373 
VAL CG2 HG21 sing N N 374 
VAL CG2 HG22 sing N N 375 
VAL CG2 HG23 sing N N 376 
VAL OXT HXT  sing N N 377 
# 
loop_
_pdbx_entity_nonpoly.entity_id 
_pdbx_entity_nonpoly.name 
_pdbx_entity_nonpoly.comp_id 
2 'TETRAETHYLENE GLYCOL' PG4 
3 water                  HOH 
# 
loop_
_pdbx_initial_refinement_model.id 
_pdbx_initial_refinement_model.entity_id_list 
_pdbx_initial_refinement_model.type 
_pdbx_initial_refinement_model.source_name 
_pdbx_initial_refinement_model.accession_code 
_pdbx_initial_refinement_model.details 
1 ? 'experimental model' PDB 2D5D 'PDB ENTRIES 2D5D, 3BG3' 
2 ? 'experimental model' PDB 3BG3 'PDB ENTRIES 2D5D, 3BG3' 
# 
